data_3PG5
#
_entry.id   3PG5
#
_cell.length_a   199.963
_cell.length_b   199.963
_cell.length_c   106.580
_cell.angle_alpha   90.00
_cell.angle_beta   90.00
_cell.angle_gamma   90.00
#
_symmetry.space_group_name_H-M   'P 4 21 2'
#
loop_
_entity.id
_entity.type
_entity.pdbx_description
1 polymer 'Uncharacterized protein'
2 water water
#
_entity_poly.entity_id   1
_entity_poly.type   'polypeptide(L)'
_entity_poly.pdbx_seq_one_letter_code
;(MSE)RTISFFNNKGGVGKTTLSTNVAHYFALQGKRVLYVDCDPQCNATQL(MSE)LTEEQTESIYLDGLNDEVAERNSL
AKTVYAIFVPLREGESQIAAEITP(MSE)RSERFGVDVLPGHPALSQIEDL(MSE)SDSWQSALGRQTGPFRRIHWAGQL
AHA(MSE)ERDDRYDVIFFDVGPSLGPFNRTVLLGCDAFVTPTATDLFSFHAFGNLARWFDAWVTQYAEIHEGN(MSE)A
EWKKYSADVEAKTRPLRLGGFDGEGLRYLGYTTLEYVKRRANGQEQLVGAFERFRGRFAAEAERISNSLSKHSNSTLLGH
VPH(MSE)HS(MSE)PATAQDVHAPI(MSE)ELSSSDRVRGAQINQRNAYAEKINSVAANVYKALFPNELEHHHHHH
;
_entity_poly.pdbx_strand_id   A,B,C,D
#
# COMPACT_ATOMS: atom_id res chain seq x y z
N ARG A 2 -2.02 34.07 4.73
CA ARG A 2 -1.56 33.14 5.76
C ARG A 2 -2.60 32.07 6.08
N THR A 3 -2.14 30.93 6.58
CA THR A 3 -3.03 29.84 6.95
C THR A 3 -2.74 29.41 8.39
N ILE A 4 -3.79 29.33 9.18
CA ILE A 4 -3.69 28.97 10.57
C ILE A 4 -4.58 27.75 10.83
N SER A 5 -4.34 27.06 11.92
CA SER A 5 -5.13 25.89 12.27
C SER A 5 -4.99 25.59 13.75
N PHE A 6 -6.06 25.11 14.37
CA PHE A 6 -6.04 24.77 15.79
C PHE A 6 -6.10 23.27 15.99
N PHE A 7 -4.94 22.62 15.90
CA PHE A 7 -4.82 21.18 16.03
C PHE A 7 -4.77 20.70 17.47
N ASN A 8 -5.24 19.48 17.68
CA ASN A 8 -5.29 18.90 19.01
C ASN A 8 -5.69 17.43 19.00
N ASN A 9 -4.97 16.59 19.76
CA ASN A 9 -5.23 15.14 19.86
C ASN A 9 -6.55 14.91 20.60
N LYS A 10 -6.69 15.52 21.78
CA LYS A 10 -7.90 15.41 22.60
C LYS A 10 -9.15 15.67 21.78
N GLY A 11 -9.20 16.80 21.09
CA GLY A 11 -10.37 17.11 20.29
C GLY A 11 -11.60 17.32 21.15
N GLY A 12 -12.47 18.23 20.72
CA GLY A 12 -13.68 18.50 21.47
C GLY A 12 -14.45 19.69 20.97
N VAL A 13 -15.40 20.14 21.78
CA VAL A 13 -16.26 21.28 21.46
C VAL A 13 -15.58 22.62 21.76
N GLY A 14 -14.62 22.62 22.68
CA GLY A 14 -13.91 23.83 23.03
C GLY A 14 -12.88 24.24 21.99
N LYS A 15 -12.28 23.26 21.34
CA LYS A 15 -11.31 23.54 20.31
C LYS A 15 -11.98 24.20 19.13
N THR A 16 -13.21 23.78 18.83
CA THR A 16 -13.95 24.33 17.70
C THR A 16 -14.55 25.69 17.99
N THR A 17 -14.77 25.98 19.27
CA THR A 17 -15.33 27.26 19.65
C THR A 17 -14.23 28.31 19.70
N LEU A 18 -13.04 27.89 20.12
CA LEU A 18 -11.89 28.80 20.20
C LEU A 18 -11.54 29.19 18.77
N SER A 19 -11.51 28.20 17.88
CA SER A 19 -11.19 28.41 16.48
C SER A 19 -12.11 29.46 15.84
N THR A 20 -13.41 29.21 15.91
CA THR A 20 -14.40 30.13 15.34
C THR A 20 -14.34 31.53 15.94
N ASN A 21 -14.05 31.64 17.23
CA ASN A 21 -13.97 32.94 17.86
C ASN A 21 -12.75 33.70 17.37
N VAL A 22 -11.61 33.01 17.27
CA VAL A 22 -10.42 33.67 16.78
C VAL A 22 -10.66 34.12 15.34
N ALA A 23 -11.25 33.26 14.52
CA ALA A 23 -11.53 33.61 13.12
C ALA A 23 -12.34 34.89 13.03
N HIS A 24 -13.35 34.99 13.90
CA HIS A 24 -14.22 36.16 13.96
C HIS A 24 -13.40 37.40 14.27
N TYR A 25 -12.48 37.27 15.21
CA TYR A 25 -11.62 38.37 15.61
C TYR A 25 -10.80 38.85 14.44
N PHE A 26 -10.20 37.92 13.70
CA PHE A 26 -9.40 38.32 12.56
C PHE A 26 -10.27 39.08 11.59
N ALA A 27 -11.55 38.75 11.56
CA ALA A 27 -12.46 39.41 10.66
C ALA A 27 -12.63 40.85 11.08
N LEU A 28 -12.68 41.09 12.39
CA LEU A 28 -12.86 42.44 12.91
C LEU A 28 -11.67 43.32 12.60
N GLN A 29 -10.49 42.72 12.54
CA GLN A 29 -9.27 43.45 12.22
C GLN A 29 -9.19 43.72 10.72
N GLY A 30 -10.34 43.72 10.06
CA GLY A 30 -10.35 43.99 8.62
C GLY A 30 -9.54 43.03 7.77
N LYS A 31 -10.00 41.79 7.71
CA LYS A 31 -9.35 40.75 6.93
C LYS A 31 -10.35 39.76 6.41
N ARG A 32 -10.30 39.52 5.10
CA ARG A 32 -11.20 38.58 4.46
C ARG A 32 -10.79 37.16 4.91
N VAL A 33 -11.64 36.50 5.69
CA VAL A 33 -11.30 35.16 6.18
C VAL A 33 -12.10 34.04 5.59
N LEU A 34 -11.42 32.94 5.30
CA LEU A 34 -12.06 31.78 4.74
C LEU A 34 -11.91 30.69 5.77
N TYR A 35 -13.02 30.02 6.10
CA TYR A 35 -12.97 28.96 7.10
C TYR A 35 -13.35 27.64 6.44
N VAL A 36 -12.38 26.74 6.38
CA VAL A 36 -12.60 25.44 5.76
C VAL A 36 -12.81 24.36 6.81
N ASP A 37 -14.01 23.75 6.80
CA ASP A 37 -14.33 22.69 7.76
C ASP A 37 -13.94 21.31 7.25
N CYS A 38 -12.78 20.84 7.69
CA CYS A 38 -12.32 19.55 7.25
C CYS A 38 -12.63 18.49 8.25
N ASP A 39 -13.61 18.72 9.08
CA ASP A 39 -13.91 17.69 10.04
C ASP A 39 -15.16 16.96 9.61
N PRO A 40 -15.10 15.62 9.60
CA PRO A 40 -16.32 14.91 9.18
C PRO A 40 -17.53 15.25 10.07
N GLN A 41 -17.28 15.55 11.35
CA GLN A 41 -18.32 15.88 12.33
C GLN A 41 -19.02 17.19 12.00
N CYS A 42 -18.38 18.02 11.18
CA CYS A 42 -18.97 19.28 10.76
C CYS A 42 -19.46 20.06 11.94
N ASN A 43 -18.58 20.29 12.91
CA ASN A 43 -18.96 21.03 14.09
C ASN A 43 -18.90 22.51 13.82
N ALA A 44 -17.80 22.94 13.23
CA ALA A 44 -17.64 24.35 12.93
C ALA A 44 -18.69 24.78 11.91
N THR A 45 -19.07 23.88 11.00
CA THR A 45 -20.06 24.18 9.96
C THR A 45 -21.44 24.35 10.53
N GLN A 46 -21.89 23.39 11.32
CA GLN A 46 -23.22 23.52 11.89
C GLN A 46 -23.24 24.54 12.99
N LEU A 47 -22.18 25.32 13.11
CA LEU A 47 -22.13 26.34 14.15
C LEU A 47 -22.16 27.75 13.57
N LEU A 49 -23.07 28.46 10.32
CA LEU A 49 -24.17 28.58 9.37
C LEU A 49 -25.52 28.37 10.04
N THR A 50 -26.52 29.12 9.58
CA THR A 50 -27.90 29.07 10.08
C THR A 50 -28.58 27.83 9.53
N GLU A 51 -29.65 27.38 10.19
CA GLU A 51 -30.35 26.19 9.73
C GLU A 51 -30.84 26.33 8.28
N GLU A 52 -31.08 27.58 7.87
CA GLU A 52 -31.52 27.90 6.52
C GLU A 52 -30.47 27.36 5.56
N GLN A 53 -29.25 27.87 5.72
CA GLN A 53 -28.10 27.51 4.91
C GLN A 53 -27.81 26.02 5.03
N THR A 54 -27.98 25.49 6.23
CA THR A 54 -27.72 24.09 6.50
C THR A 54 -28.55 23.15 5.66
N GLU A 55 -29.86 23.15 5.87
CA GLU A 55 -30.73 22.25 5.12
C GLU A 55 -30.76 22.63 3.66
N SER A 56 -29.93 23.60 3.31
CA SER A 56 -29.85 24.08 1.94
C SER A 56 -28.85 23.24 1.15
N ILE A 57 -27.90 22.69 1.87
CA ILE A 57 -26.84 21.88 1.29
C ILE A 57 -27.20 20.40 1.42
N TYR A 58 -27.60 20.00 2.62
CA TYR A 58 -27.97 18.60 2.85
C TYR A 58 -29.49 18.43 2.68
N LEU A 59 -30.05 19.09 1.66
CA LEU A 59 -31.49 19.04 1.36
C LEU A 59 -31.91 17.60 1.04
N ASP A 64 -33.30 13.90 -1.49
CA ASP A 64 -33.84 12.56 -1.65
C ASP A 64 -32.78 11.52 -1.99
N GLU A 65 -32.68 11.17 -3.28
CA GLU A 65 -31.73 10.16 -3.77
C GLU A 65 -30.47 10.81 -4.39
N VAL A 66 -30.31 10.67 -5.71
CA VAL A 66 -29.14 11.24 -6.40
C VAL A 66 -29.04 12.73 -6.14
N ALA A 67 -30.16 13.36 -5.81
CA ALA A 67 -30.18 14.79 -5.53
C ALA A 67 -29.34 15.11 -4.31
N GLU A 68 -28.97 14.08 -3.56
CA GLU A 68 -28.15 14.22 -2.36
C GLU A 68 -26.70 14.47 -2.80
N ARG A 69 -26.31 13.90 -3.93
CA ARG A 69 -24.97 14.10 -4.46
C ARG A 69 -24.74 15.57 -4.82
N ASN A 70 -25.77 16.39 -4.69
CA ASN A 70 -25.68 17.83 -4.98
C ASN A 70 -24.99 18.51 -3.79
N SER A 71 -25.01 17.84 -2.63
CA SER A 71 -24.35 18.41 -1.47
C SER A 71 -22.83 18.23 -1.61
N LEU A 72 -22.42 17.13 -2.21
CA LEU A 72 -21.00 16.85 -2.42
C LEU A 72 -20.32 17.95 -3.22
N ALA A 73 -21.09 18.72 -3.96
CA ALA A 73 -20.56 19.81 -4.77
C ALA A 73 -20.71 21.16 -4.08
N LYS A 74 -21.55 21.19 -3.05
CA LYS A 74 -21.76 22.44 -2.33
C LYS A 74 -20.90 22.50 -1.09
N THR A 75 -20.18 21.42 -0.78
CA THR A 75 -19.34 21.43 0.40
C THR A 75 -17.88 21.40 -0.01
N VAL A 76 -17.03 21.07 0.96
CA VAL A 76 -15.61 21.00 0.75
C VAL A 76 -15.22 19.75 -0.01
N TYR A 77 -16.04 18.71 0.11
CA TYR A 77 -15.78 17.47 -0.61
C TYR A 77 -15.52 17.73 -2.09
N ALA A 78 -16.09 18.83 -2.58
CA ALA A 78 -15.98 19.22 -3.96
C ALA A 78 -14.56 19.36 -4.47
N ILE A 79 -13.70 20.02 -3.71
CA ILE A 79 -12.35 20.22 -4.18
C ILE A 79 -11.57 18.95 -4.36
N PHE A 80 -12.09 17.85 -3.83
CA PHE A 80 -11.36 16.61 -3.98
C PHE A 80 -11.82 15.76 -5.12
N VAL A 81 -13.00 16.03 -5.65
CA VAL A 81 -13.49 15.20 -6.74
C VAL A 81 -12.44 14.94 -7.80
N PRO A 82 -11.81 15.99 -8.32
CA PRO A 82 -10.79 15.74 -9.33
C PRO A 82 -9.63 14.85 -8.82
N LEU A 83 -9.13 15.10 -7.62
CA LEU A 83 -8.03 14.32 -7.06
C LEU A 83 -8.36 12.86 -6.90
N ARG A 84 -9.64 12.60 -6.69
CA ARG A 84 -10.10 11.24 -6.53
C ARG A 84 -10.14 10.55 -7.88
N GLU A 85 -10.55 11.28 -8.90
CA GLU A 85 -10.63 10.74 -10.25
C GLU A 85 -9.28 10.51 -10.91
N GLY A 86 -8.20 10.74 -10.17
CA GLY A 86 -6.89 10.52 -10.74
C GLY A 86 -6.06 11.76 -10.95
N GLU A 87 -6.70 12.88 -11.28
CA GLU A 87 -5.98 14.13 -11.51
C GLU A 87 -5.17 14.56 -10.27
N SER A 88 -4.26 15.53 -10.43
CA SER A 88 -3.41 15.99 -9.32
C SER A 88 -3.53 17.47 -8.98
N GLN A 89 -4.72 18.00 -9.24
CA GLN A 89 -5.07 19.40 -9.02
C GLN A 89 -6.49 19.58 -8.51
N ILE A 90 -6.63 20.11 -7.31
CA ILE A 90 -7.94 20.33 -6.71
C ILE A 90 -8.78 21.22 -7.62
N ALA A 91 -10.03 21.43 -7.23
CA ALA A 91 -10.90 22.28 -7.99
C ALA A 91 -10.89 23.66 -7.34
N ALA A 92 -10.15 24.62 -7.92
CA ALA A 92 -10.06 25.97 -7.36
C ALA A 92 -11.45 26.63 -7.31
N GLU A 93 -12.30 26.24 -8.27
CA GLU A 93 -13.67 26.72 -8.39
C GLU A 93 -14.48 26.34 -7.15
N ILE A 94 -14.30 27.07 -6.06
CA ILE A 94 -15.04 26.77 -4.85
C ILE A 94 -16.00 27.90 -4.60
N THR A 95 -17.08 27.61 -3.88
CA THR A 95 -18.07 28.62 -3.59
C THR A 95 -18.56 28.52 -2.15
N PRO A 96 -17.83 29.15 -1.24
CA PRO A 96 -18.17 29.14 0.18
C PRO A 96 -19.38 29.99 0.47
N ARG A 98 -21.24 32.78 3.23
CA ARG A 98 -21.00 33.82 4.23
C ARG A 98 -21.66 33.50 5.55
N SER A 99 -20.93 33.73 6.65
CA SER A 99 -21.45 33.49 7.97
C SER A 99 -21.85 34.82 8.56
N GLU A 100 -23.14 35.13 8.53
CA GLU A 100 -23.62 36.40 9.06
C GLU A 100 -23.11 36.62 10.48
N ARG A 101 -23.25 35.62 11.33
CA ARG A 101 -22.79 35.75 12.72
C ARG A 101 -21.32 36.17 12.80
N PHE A 102 -20.44 35.26 12.40
CA PHE A 102 -18.99 35.48 12.45
C PHE A 102 -18.37 36.36 11.36
N GLY A 103 -19.14 36.68 10.32
CA GLY A 103 -18.65 37.52 9.25
C GLY A 103 -17.44 37.01 8.51
N VAL A 104 -17.41 35.69 8.29
CA VAL A 104 -16.32 35.03 7.59
C VAL A 104 -16.83 33.93 6.69
N ASP A 105 -16.47 33.99 5.41
CA ASP A 105 -16.91 32.96 4.48
C ASP A 105 -16.43 31.59 4.98
N VAL A 106 -17.35 30.63 5.00
CA VAL A 106 -17.05 29.28 5.45
C VAL A 106 -17.38 28.27 4.36
N LEU A 107 -16.47 27.31 4.19
CA LEU A 107 -16.59 26.26 3.21
C LEU A 107 -17.17 25.09 4.02
N PRO A 108 -18.47 24.85 3.88
CA PRO A 108 -19.20 23.79 4.58
C PRO A 108 -18.55 22.41 4.51
N GLY A 109 -18.61 21.67 5.61
CA GLY A 109 -18.05 20.33 5.66
C GLY A 109 -19.00 19.28 5.14
N HIS A 110 -18.66 18.01 5.32
CA HIS A 110 -19.48 16.91 4.85
C HIS A 110 -18.99 15.58 5.47
N PRO A 111 -19.89 14.84 6.13
CA PRO A 111 -19.51 13.57 6.76
C PRO A 111 -18.95 12.55 5.78
N ALA A 112 -18.91 12.92 4.50
CA ALA A 112 -18.37 12.04 3.47
C ALA A 112 -16.85 12.18 3.38
N LEU A 113 -16.26 13.08 4.18
CA LEU A 113 -14.82 13.26 4.14
C LEU A 113 -14.13 12.02 4.66
N SER A 114 -14.93 11.06 5.12
CA SER A 114 -14.37 9.83 5.61
C SER A 114 -13.72 9.13 4.43
N GLN A 115 -14.25 9.36 3.23
CA GLN A 115 -13.69 8.76 2.00
C GLN A 115 -12.42 9.49 1.54
N ILE A 116 -12.32 10.76 1.88
CA ILE A 116 -11.16 11.53 1.51
C ILE A 116 -10.03 11.13 2.46
N GLU A 117 -10.39 10.65 3.65
CA GLU A 117 -9.37 10.22 4.61
C GLU A 117 -8.67 8.98 4.11
N ASP A 118 -9.34 8.22 3.25
CA ASP A 118 -8.79 6.99 2.68
C ASP A 118 -7.95 7.37 1.48
N LEU A 119 -8.36 8.45 0.83
CA LEU A 119 -7.64 8.92 -0.33
C LEU A 119 -6.30 9.46 0.10
N SER A 121 -4.66 8.61 3.00
CA SER A 121 -3.81 7.59 3.56
C SER A 121 -3.09 6.84 2.41
N ASP A 122 -3.82 6.55 1.33
CA ASP A 122 -3.28 5.85 0.15
C ASP A 122 -2.28 6.76 -0.56
N SER A 123 -2.52 8.07 -0.50
CA SER A 123 -1.62 9.02 -1.12
C SER A 123 -0.34 9.13 -0.31
N TRP A 124 -0.49 9.35 1.00
CA TRP A 124 0.66 9.46 1.87
C TRP A 124 1.51 8.19 1.76
N GLN A 125 0.87 7.03 1.68
CA GLN A 125 1.62 5.77 1.56
C GLN A 125 2.51 5.76 0.31
N SER A 126 1.88 5.92 -0.85
CA SER A 126 2.58 5.93 -2.13
C SER A 126 3.61 7.04 -2.18
N ALA A 127 3.30 8.19 -1.62
CA ALA A 127 4.25 9.29 -1.62
C ALA A 127 5.54 8.84 -0.94
N LEU A 128 5.42 7.94 0.03
CA LEU A 128 6.62 7.44 0.70
C LEU A 128 7.49 6.69 -0.26
N GLY A 129 6.87 6.02 -1.21
CA GLY A 129 7.60 5.26 -2.20
C GLY A 129 8.16 6.13 -3.32
N ARG A 130 8.18 7.43 -3.09
CA ARG A 130 8.70 8.37 -4.08
C ARG A 130 7.90 8.35 -5.37
N GLN A 131 6.57 8.38 -5.22
CA GLN A 131 5.62 8.38 -6.32
C GLN A 131 5.19 9.83 -6.50
N THR A 132 5.82 10.52 -7.43
CA THR A 132 5.52 11.94 -7.71
C THR A 132 4.02 12.24 -7.81
N GLY A 133 3.25 11.35 -8.42
CA GLY A 133 1.82 11.58 -8.54
C GLY A 133 1.15 11.91 -7.22
N PRO A 134 0.95 10.91 -6.33
CA PRO A 134 0.33 11.16 -5.03
C PRO A 134 1.13 12.08 -4.15
N PHE A 135 2.38 12.33 -4.52
CA PHE A 135 3.18 13.23 -3.72
C PHE A 135 2.54 14.59 -3.70
N ARG A 136 2.24 15.11 -4.88
CA ARG A 136 1.64 16.44 -4.96
C ARG A 136 0.16 16.45 -4.68
N ARG A 137 -0.38 15.33 -4.24
CA ARG A 137 -1.79 15.28 -3.92
C ARG A 137 -1.97 15.55 -2.43
N ILE A 138 -0.99 15.17 -1.61
CA ILE A 138 -1.11 15.42 -0.18
C ILE A 138 -1.05 16.91 0.09
N HIS A 139 -0.68 17.67 -0.93
CA HIS A 139 -0.58 19.12 -0.80
C HIS A 139 -1.86 19.81 -1.22
N TRP A 140 -2.99 19.13 -1.11
CA TRP A 140 -4.22 19.75 -1.48
C TRP A 140 -4.46 20.97 -0.61
N ALA A 141 -4.04 20.94 0.66
CA ALA A 141 -4.29 22.09 1.55
C ALA A 141 -3.71 23.39 0.99
N GLY A 142 -2.40 23.38 0.79
CA GLY A 142 -1.72 24.52 0.26
C GLY A 142 -2.20 24.83 -1.14
N GLN A 143 -2.60 23.80 -1.90
CA GLN A 143 -3.09 24.02 -3.26
C GLN A 143 -4.32 24.92 -3.26
N LEU A 144 -5.13 24.83 -2.20
CA LEU A 144 -6.32 25.65 -2.06
C LEU A 144 -5.87 27.03 -1.64
N ALA A 145 -5.01 27.08 -0.65
CA ALA A 145 -4.51 28.35 -0.17
C ALA A 145 -3.90 29.14 -1.32
N HIS A 146 -3.24 28.45 -2.24
CA HIS A 146 -2.62 29.12 -3.38
C HIS A 146 -3.64 29.61 -4.36
N ALA A 147 -4.70 28.85 -4.59
CA ALA A 147 -5.68 29.31 -5.54
C ALA A 147 -6.35 30.57 -5.00
N GLU A 149 -5.04 32.89 -2.70
CA GLU A 149 -4.03 33.96 -2.71
C GLU A 149 -3.83 34.55 -4.09
N ARG A 150 -3.84 33.69 -5.10
CA ARG A 150 -3.64 34.08 -6.49
C ARG A 150 -4.78 34.91 -7.04
N ASP A 151 -6.00 34.51 -6.72
CA ASP A 151 -7.17 35.26 -7.17
C ASP A 151 -7.48 36.33 -6.17
N ASP A 152 -6.63 36.48 -5.15
CA ASP A 152 -6.82 37.48 -4.11
C ASP A 152 -8.26 37.47 -3.55
N ARG A 153 -8.77 36.30 -3.17
CA ARG A 153 -10.12 36.16 -2.63
C ARG A 153 -10.17 36.24 -1.11
N TYR A 154 -9.09 35.85 -0.46
CA TYR A 154 -9.04 35.86 0.99
C TYR A 154 -7.64 36.23 1.51
N ASP A 155 -7.61 36.75 2.73
CA ASP A 155 -6.40 37.19 3.40
C ASP A 155 -5.93 36.14 4.42
N VAL A 156 -6.87 35.37 4.96
CA VAL A 156 -6.56 34.35 5.95
C VAL A 156 -7.45 33.12 5.79
N ILE A 157 -6.89 31.94 6.01
CA ILE A 157 -7.66 30.70 5.91
C ILE A 157 -7.54 29.87 7.18
N PHE A 158 -8.67 29.54 7.77
CA PHE A 158 -8.65 28.73 8.95
C PHE A 158 -8.99 27.29 8.62
N PHE A 159 -8.06 26.38 8.87
CA PHE A 159 -8.33 24.96 8.61
C PHE A 159 -8.79 24.31 9.92
N ASP A 160 -10.07 23.98 10.02
CA ASP A 160 -10.60 23.34 11.23
C ASP A 160 -10.51 21.83 11.06
N VAL A 161 -9.60 21.20 11.80
CA VAL A 161 -9.41 19.76 11.71
C VAL A 161 -10.15 19.01 12.83
N GLY A 162 -10.18 17.69 12.70
CA GLY A 162 -10.84 16.88 13.70
C GLY A 162 -9.88 16.34 14.74
N PRO A 163 -10.36 15.46 15.63
CA PRO A 163 -9.52 14.88 16.68
C PRO A 163 -8.47 13.91 16.14
N SER A 164 -8.81 13.20 15.07
CA SER A 164 -7.89 12.23 14.48
C SER A 164 -6.50 12.79 14.15
N LEU A 165 -5.48 11.94 14.17
CA LEU A 165 -4.16 12.39 13.82
C LEU A 165 -3.47 11.37 12.92
N GLY A 166 -4.16 11.04 11.84
CA GLY A 166 -3.68 10.09 10.87
C GLY A 166 -3.27 10.78 9.57
N PRO A 167 -3.13 10.03 8.46
CA PRO A 167 -2.72 10.56 7.16
C PRO A 167 -3.39 11.88 6.73
N PHE A 168 -4.71 11.95 6.86
CA PHE A 168 -5.45 13.13 6.46
C PHE A 168 -5.03 14.39 7.20
N ASN A 169 -5.28 14.45 8.50
CA ASN A 169 -4.91 15.65 9.26
C ASN A 169 -3.48 16.10 9.05
N ARG A 170 -2.59 15.15 8.76
CA ARG A 170 -1.19 15.49 8.49
C ARG A 170 -1.15 16.38 7.26
N THR A 171 -1.82 15.94 6.20
CA THR A 171 -1.87 16.69 4.93
C THR A 171 -2.55 18.04 5.11
N VAL A 172 -3.19 18.24 6.25
CA VAL A 172 -3.82 19.54 6.47
C VAL A 172 -2.78 20.48 7.05
N LEU A 173 -1.90 19.95 7.91
CA LEU A 173 -0.86 20.78 8.48
C LEU A 173 0.08 21.22 7.37
N LEU A 174 0.34 20.35 6.41
CA LEU A 174 1.22 20.74 5.31
C LEU A 174 0.76 22.02 4.61
N GLY A 175 -0.50 22.43 4.83
CA GLY A 175 -1.00 23.63 4.17
C GLY A 175 -1.04 24.84 5.07
N CYS A 176 -0.68 24.60 6.33
CA CYS A 176 -0.68 25.61 7.36
C CYS A 176 0.67 26.27 7.54
N ASP A 177 0.64 27.58 7.75
CA ASP A 177 1.85 28.34 7.99
C ASP A 177 2.11 28.30 9.48
N ALA A 178 1.05 28.12 10.26
CA ALA A 178 1.16 28.08 11.71
C ALA A 178 -0.01 27.33 12.33
N PHE A 179 0.07 27.08 13.63
CA PHE A 179 -1.02 26.42 14.32
C PHE A 179 -0.91 26.52 15.85
N VAL A 180 -2.05 26.51 16.52
CA VAL A 180 -2.08 26.57 17.98
C VAL A 180 -2.63 25.25 18.47
N THR A 181 -2.33 24.89 19.71
CA THR A 181 -2.84 23.63 20.25
C THR A 181 -3.53 23.85 21.57
N PRO A 182 -4.87 23.89 21.56
CA PRO A 182 -5.65 24.09 22.79
C PRO A 182 -5.80 22.76 23.53
N THR A 183 -5.56 22.79 24.84
CA THR A 183 -5.64 21.60 25.66
C THR A 183 -6.62 21.77 26.81
N ALA A 184 -6.65 20.79 27.71
CA ALA A 184 -7.57 20.84 28.83
C ALA A 184 -6.93 20.93 30.22
N THR A 185 -5.69 20.45 30.37
CA THR A 185 -4.99 20.51 31.66
C THR A 185 -5.26 19.35 32.65
N ASP A 186 -6.27 18.52 32.38
CA ASP A 186 -6.56 17.38 33.25
C ASP A 186 -5.55 16.26 32.96
N LEU A 187 -5.61 15.17 33.71
CA LEU A 187 -4.66 14.06 33.51
C LEU A 187 -4.69 13.48 32.10
N PHE A 188 -5.83 12.91 31.71
CA PHE A 188 -5.95 12.31 30.38
C PHE A 188 -5.67 13.29 29.26
N SER A 189 -6.08 14.53 29.46
CA SER A 189 -5.87 15.57 28.47
C SER A 189 -4.37 15.76 28.26
N PHE A 190 -3.62 15.89 29.34
CA PHE A 190 -2.18 16.07 29.25
C PHE A 190 -1.46 14.84 28.73
N HIS A 191 -1.82 13.66 29.23
CA HIS A 191 -1.19 12.44 28.77
C HIS A 191 -1.27 12.33 27.27
N ALA A 192 -2.35 12.90 26.73
CA ALA A 192 -2.62 12.90 25.28
C ALA A 192 -1.74 13.93 24.60
N PHE A 193 -1.66 15.12 25.22
CA PHE A 193 -0.87 16.24 24.69
C PHE A 193 0.60 15.88 24.62
N GLY A 194 0.99 14.93 25.48
CA GLY A 194 2.37 14.49 25.50
C GLY A 194 2.61 13.59 24.32
N ASN A 195 1.68 12.68 24.08
CA ASN A 195 1.78 11.76 22.96
C ASN A 195 1.71 12.57 21.66
N LEU A 196 1.08 13.74 21.71
CA LEU A 196 0.96 14.60 20.54
C LEU A 196 2.34 15.08 20.12
N ALA A 197 3.12 15.57 21.08
CA ALA A 197 4.47 16.05 20.76
C ALA A 197 5.25 14.93 20.09
N ARG A 198 5.19 13.73 20.66
CA ARG A 198 5.90 12.60 20.09
C ARG A 198 5.50 12.41 18.62
N TRP A 199 4.21 12.52 18.36
CA TRP A 199 3.70 12.36 17.01
C TRP A 199 4.30 13.34 16.01
N PHE A 200 4.35 14.61 16.39
CA PHE A 200 4.90 15.61 15.48
C PHE A 200 6.28 15.22 15.08
N ASP A 201 7.17 15.22 16.05
CA ASP A 201 8.56 14.86 15.78
C ASP A 201 8.62 13.71 14.78
N ALA A 202 7.72 12.73 14.95
CA ALA A 202 7.67 11.57 14.08
C ALA A 202 7.33 11.85 12.63
N TRP A 203 6.12 12.34 12.39
CA TRP A 203 5.69 12.59 11.02
C TRP A 203 6.41 13.73 10.33
N VAL A 204 6.81 14.75 11.08
CA VAL A 204 7.51 15.85 10.48
C VAL A 204 8.80 15.36 9.86
N THR A 205 9.46 14.42 10.52
CA THR A 205 10.71 13.87 9.99
C THR A 205 10.45 13.01 8.76
N GLN A 206 9.35 12.27 8.81
CA GLN A 206 8.96 11.39 7.72
C GLN A 206 8.68 12.23 6.48
N TYR A 207 8.06 13.39 6.68
CA TYR A 207 7.73 14.30 5.61
C TYR A 207 9.00 14.91 5.08
N ALA A 208 9.86 15.34 5.99
CA ALA A 208 11.12 15.90 5.56
C ALA A 208 11.73 14.99 4.49
N GLU A 209 11.55 13.68 4.61
CA GLU A 209 12.09 12.75 3.62
C GLU A 209 11.19 12.76 2.39
N ILE A 210 9.89 12.67 2.61
CA ILE A 210 8.91 12.68 1.54
C ILE A 210 9.23 13.80 0.57
N HIS A 211 9.51 14.97 1.14
CA HIS A 211 9.82 16.15 0.37
C HIS A 211 11.10 15.96 -0.41
N GLU A 212 12.21 15.85 0.31
CA GLU A 212 13.53 15.68 -0.28
C GLU A 212 13.54 14.58 -1.34
N GLY A 213 13.10 13.39 -0.96
CA GLY A 213 13.07 12.26 -1.88
C GLY A 213 12.20 12.37 -3.12
N ASN A 214 11.11 13.12 -3.05
CA ASN A 214 10.22 13.27 -4.20
C ASN A 214 10.67 14.35 -5.14
N ALA A 216 13.78 15.42 -5.49
CA ALA A 216 14.98 14.98 -6.17
C ALA A 216 14.65 14.04 -7.29
N GLU A 217 13.63 13.21 -7.08
CA GLU A 217 13.21 12.24 -8.07
C GLU A 217 12.54 12.92 -9.24
N TRP A 218 11.60 13.82 -8.93
CA TRP A 218 10.87 14.53 -9.99
C TRP A 218 11.88 15.27 -10.84
N LYS A 219 12.67 16.13 -10.19
CA LYS A 219 13.70 16.93 -10.85
C LYS A 219 14.57 16.19 -11.86
N LYS A 220 14.87 14.93 -11.59
CA LYS A 220 15.72 14.16 -12.49
C LYS A 220 14.95 13.61 -13.69
N TYR A 221 13.69 14.01 -13.86
CA TYR A 221 12.86 13.58 -14.98
C TYR A 221 12.12 14.74 -15.64
N SER A 222 12.43 15.96 -15.21
CA SER A 222 11.79 17.17 -15.75
C SER A 222 12.57 18.41 -15.31
N ALA A 223 12.38 19.51 -16.03
CA ALA A 223 13.06 20.76 -15.71
C ALA A 223 12.05 21.81 -15.27
N ASP A 224 10.80 21.65 -15.73
CA ASP A 224 9.72 22.58 -15.38
C ASP A 224 9.16 22.23 -14.01
N VAL A 225 9.86 21.36 -13.30
CA VAL A 225 9.44 20.92 -11.97
C VAL A 225 9.40 22.07 -10.97
N GLU A 226 10.21 23.08 -11.22
CA GLU A 226 10.26 24.21 -10.32
C GLU A 226 8.99 25.05 -10.43
N ALA A 227 8.28 24.89 -11.53
CA ALA A 227 7.06 25.63 -11.75
C ALA A 227 5.82 24.81 -11.47
N LYS A 228 5.89 23.52 -11.79
CA LYS A 228 4.76 22.66 -11.56
C LYS A 228 4.56 22.46 -10.06
N THR A 229 5.56 22.87 -9.30
CA THR A 229 5.53 22.69 -7.87
C THR A 229 5.13 23.95 -7.11
N ARG A 230 4.99 25.04 -7.85
CA ARG A 230 4.62 26.32 -7.25
C ARG A 230 3.20 26.31 -6.69
N PRO A 231 2.22 25.80 -7.45
CA PRO A 231 0.83 25.78 -6.97
C PRO A 231 0.64 25.13 -5.60
N LEU A 232 1.49 24.20 -5.20
CA LEU A 232 1.33 23.61 -3.88
C LEU A 232 2.24 24.37 -2.91
N ARG A 233 1.74 25.41 -2.25
CA ARG A 233 2.56 26.22 -1.31
C ARG A 233 3.53 25.40 -0.47
N LEU A 234 4.64 24.99 -1.06
CA LEU A 234 5.60 24.21 -0.31
C LEU A 234 6.29 25.10 0.69
N GLY A 235 6.40 24.61 1.92
CA GLY A 235 7.05 25.37 2.96
C GLY A 235 6.22 26.52 3.52
N GLY A 236 5.05 26.77 2.96
CA GLY A 236 4.23 27.85 3.47
C GLY A 236 4.45 29.12 2.68
N PHE A 237 4.24 30.27 3.30
CA PHE A 237 4.39 31.54 2.60
C PHE A 237 5.82 31.99 2.46
N ASP A 238 6.66 31.55 3.39
CA ASP A 238 8.07 31.90 3.37
C ASP A 238 8.95 30.69 3.16
N GLY A 239 8.33 29.54 2.90
CA GLY A 239 9.09 28.33 2.69
C GLY A 239 9.82 27.85 3.93
N GLU A 240 9.50 28.43 5.08
CA GLU A 240 10.15 28.02 6.32
C GLU A 240 9.46 26.85 6.99
N GLY A 241 8.41 26.34 6.35
CA GLY A 241 7.70 25.20 6.91
C GLY A 241 6.64 25.56 7.93
N LEU A 242 6.07 24.54 8.53
CA LEU A 242 5.04 24.71 9.53
C LEU A 242 5.61 25.39 10.78
N ARG A 243 4.89 26.36 11.32
CA ARG A 243 5.35 27.08 12.52
C ARG A 243 4.42 26.92 13.73
N TYR A 244 4.98 26.63 14.90
CA TYR A 244 4.17 26.44 16.10
C TYR A 244 3.96 27.75 16.83
N LEU A 245 2.71 28.18 16.97
CA LEU A 245 2.44 29.44 17.65
C LEU A 245 2.31 29.34 19.15
N GLY A 246 2.20 28.12 19.67
CA GLY A 246 2.06 27.94 21.11
C GLY A 246 0.83 27.14 21.49
N TYR A 247 0.41 27.25 22.75
CA TYR A 247 -0.75 26.51 23.20
C TYR A 247 -1.70 27.35 24.04
N THR A 248 -2.86 26.77 24.34
CA THR A 248 -3.92 27.40 25.12
C THR A 248 -4.59 26.37 26.02
N THR A 249 -4.92 26.76 27.24
CA THR A 249 -5.56 25.85 28.18
C THR A 249 -7.04 26.14 28.41
N LEU A 250 -7.80 25.07 28.59
CA LEU A 250 -9.25 25.17 28.80
C LEU A 250 -9.66 24.41 30.07
N GLU A 268 -2.35 23.27 35.53
CA GLU A 268 -2.58 23.26 36.97
C GLU A 268 -1.49 22.46 37.69
N ARG A 269 -1.70 21.15 37.82
CA ARG A 269 -0.75 20.23 38.47
C ARG A 269 0.34 19.92 37.47
N PHE A 270 0.11 20.33 36.23
CA PHE A 270 1.04 20.07 35.14
C PHE A 270 1.54 21.38 34.52
N ARG A 271 1.25 22.50 35.18
CA ARG A 271 1.67 23.82 34.70
C ARG A 271 3.05 23.80 34.04
N GLY A 272 3.94 22.95 34.54
CA GLY A 272 5.27 22.89 33.98
C GLY A 272 5.39 21.86 32.89
N ARG A 273 4.81 20.69 33.13
CA ARG A 273 4.84 19.60 32.17
C ARG A 273 4.28 20.00 30.81
N PHE A 274 3.30 20.91 30.80
CA PHE A 274 2.74 21.38 29.54
C PHE A 274 3.76 22.25 28.84
N ALA A 275 4.14 23.35 29.48
CA ALA A 275 5.11 24.27 28.89
C ALA A 275 6.41 23.57 28.54
N ALA A 276 6.61 22.40 29.16
CA ALA A 276 7.80 21.59 28.93
C ALA A 276 7.67 20.80 27.64
N GLU A 277 6.53 20.13 27.47
CA GLU A 277 6.30 19.32 26.27
C GLU A 277 6.04 20.25 25.08
N ALA A 278 5.45 21.42 25.35
CA ALA A 278 5.19 22.40 24.31
C ALA A 278 6.48 22.75 23.59
N GLU A 279 7.59 22.83 24.35
CA GLU A 279 8.88 23.16 23.77
C GLU A 279 9.32 22.06 22.81
N ARG A 280 9.09 20.81 23.18
CA ARG A 280 9.48 19.71 22.30
C ARG A 280 8.80 19.85 20.95
N ILE A 281 7.54 20.30 20.99
CA ILE A 281 6.79 20.49 19.77
C ILE A 281 7.44 21.62 18.98
N SER A 282 7.57 22.79 19.62
CA SER A 282 8.18 23.94 19.01
C SER A 282 9.53 23.59 18.40
N ASN A 283 10.39 22.94 19.18
CA ASN A 283 11.71 22.58 18.67
C ASN A 283 11.64 21.60 17.52
N SER A 284 10.74 20.63 17.63
CA SER A 284 10.55 19.63 16.60
C SER A 284 10.25 20.22 15.21
N LEU A 285 9.61 21.38 15.21
CA LEU A 285 9.25 22.07 13.98
C LEU A 285 10.28 23.09 13.54
N SER A 286 9.79 24.18 12.96
CA SER A 286 10.65 25.24 12.46
C SER A 286 11.31 26.07 13.54
N LYS A 287 12.21 26.95 13.11
CA LYS A 287 12.91 27.81 14.03
C LYS A 287 12.01 28.97 14.46
N HIS A 288 11.25 29.51 13.50
CA HIS A 288 10.35 30.63 13.78
C HIS A 288 9.28 30.19 14.80
N SER A 289 9.30 28.92 15.18
CA SER A 289 8.33 28.38 16.10
C SER A 289 8.43 28.92 17.51
N ASN A 290 7.35 29.56 17.96
CA ASN A 290 7.31 30.09 19.31
C ASN A 290 6.54 29.16 20.25
N SER A 291 7.03 28.90 21.44
CA SER A 291 6.31 27.94 22.29
C SER A 291 5.66 28.57 23.52
N THR A 292 5.30 29.83 23.37
CA THR A 292 4.68 30.58 24.45
C THR A 292 3.32 30.02 24.79
N LEU A 293 2.60 30.75 25.62
CA LEU A 293 1.28 30.34 26.04
C LEU A 293 0.37 31.52 25.72
N LEU A 294 -0.44 31.33 24.69
CA LEU A 294 -1.35 32.37 24.23
C LEU A 294 -2.42 32.79 25.25
N GLY A 295 -2.68 31.95 26.24
CA GLY A 295 -3.68 32.30 27.25
C GLY A 295 -4.63 31.20 27.65
N HIS A 296 -5.62 31.56 28.47
CA HIS A 296 -6.63 30.61 28.97
C HIS A 296 -8.03 30.97 28.49
N VAL A 297 -8.88 29.96 28.39
CA VAL A 297 -10.24 30.17 27.95
C VAL A 297 -11.18 29.39 28.84
N PRO A 298 -12.05 30.10 29.59
CA PRO A 298 -13.02 29.48 30.50
C PRO A 298 -14.27 28.94 29.80
N ALA A 333 -17.84 40.28 30.02
CA ALA A 333 -18.61 39.20 30.63
C ALA A 333 -17.91 37.86 30.46
N TYR A 334 -17.32 37.68 29.27
CA TYR A 334 -16.60 36.44 28.90
C TYR A 334 -15.55 36.69 27.82
N ALA A 335 -15.91 37.51 26.82
CA ALA A 335 -15.04 37.85 25.70
C ALA A 335 -13.73 38.50 26.15
N GLU A 336 -13.59 38.66 27.47
CA GLU A 336 -12.40 39.27 28.04
C GLU A 336 -11.20 38.34 27.86
N LYS A 337 -11.44 37.04 28.02
CA LYS A 337 -10.38 36.03 27.89
C LYS A 337 -10.14 35.64 26.42
N ILE A 338 -11.22 35.41 25.69
CA ILE A 338 -11.09 35.05 24.29
C ILE A 338 -10.39 36.16 23.52
N ASN A 339 -10.74 37.41 23.81
CA ASN A 339 -10.08 38.52 23.14
C ASN A 339 -8.58 38.43 23.37
N SER A 340 -8.19 38.09 24.59
CA SER A 340 -6.78 37.98 24.93
C SER A 340 -6.07 36.99 24.02
N VAL A 341 -6.70 35.84 23.78
CA VAL A 341 -6.14 34.79 22.92
C VAL A 341 -6.13 35.20 21.45
N ALA A 342 -7.31 35.49 20.91
CA ALA A 342 -7.41 35.89 19.52
C ALA A 342 -6.35 36.93 19.18
N ALA A 343 -6.21 37.94 20.04
CA ALA A 343 -5.25 39.03 19.84
C ALA A 343 -3.81 38.56 19.82
N ASN A 344 -3.48 37.59 20.67
CA ASN A 344 -2.12 37.09 20.72
C ASN A 344 -1.83 36.26 19.49
N VAL A 345 -2.83 35.50 19.04
CA VAL A 345 -2.71 34.65 17.88
C VAL A 345 -2.57 35.53 16.64
N TYR A 346 -3.16 36.72 16.71
CA TYR A 346 -3.14 37.69 15.64
C TYR A 346 -1.78 38.37 15.52
N LYS A 347 -1.21 38.77 16.66
CA LYS A 347 0.08 39.44 16.68
C LYS A 347 1.19 38.53 16.18
N ALA A 348 1.05 37.25 16.46
CA ALA A 348 2.05 36.27 16.05
C ALA A 348 1.95 35.98 14.56
N LEU A 349 0.72 36.03 14.04
CA LEU A 349 0.45 35.77 12.63
C LEU A 349 0.73 36.99 11.76
N PHE A 350 0.60 38.18 12.34
CA PHE A 350 0.86 39.43 11.61
C PHE A 350 1.70 40.35 12.47
N PRO A 351 3.00 40.03 12.65
CA PRO A 351 3.87 40.89 13.48
C PRO A 351 3.88 42.32 12.97
N ASN A 352 3.80 42.47 11.67
CA ASN A 352 3.80 43.78 11.06
C ASN A 352 2.47 44.49 11.33
N GLU A 353 2.55 45.71 11.88
CA GLU A 353 1.35 46.49 12.19
C GLU A 353 0.40 46.49 11.01
N ARG B 2 -8.47 -5.02 -33.11
CA ARG B 2 -8.16 -6.06 -32.14
C ARG B 2 -6.74 -5.99 -31.58
N THR B 3 -6.60 -6.32 -30.30
CA THR B 3 -5.30 -6.36 -29.61
C THR B 3 -4.99 -7.78 -29.15
N ILE B 4 -3.81 -8.27 -29.51
CA ILE B 4 -3.40 -9.61 -29.15
C ILE B 4 -2.08 -9.60 -28.39
N SER B 5 -1.77 -10.70 -27.71
CA SER B 5 -0.51 -10.83 -26.99
C SER B 5 -0.11 -12.28 -26.79
N PHE B 6 1.17 -12.58 -26.97
CA PHE B 6 1.66 -13.94 -26.80
C PHE B 6 2.35 -14.04 -25.45
N PHE B 7 1.54 -14.14 -24.40
CA PHE B 7 2.04 -14.21 -23.05
C PHE B 7 2.63 -15.57 -22.65
N ASN B 8 3.76 -15.56 -21.97
CA ASN B 8 4.37 -16.80 -21.50
C ASN B 8 5.31 -16.49 -20.35
N ASN B 9 5.15 -17.19 -19.23
CA ASN B 9 5.99 -16.94 -18.05
C ASN B 9 7.20 -17.85 -17.95
N LYS B 10 7.40 -18.67 -18.97
CA LYS B 10 8.53 -19.58 -18.98
C LYS B 10 9.73 -18.86 -19.59
N GLY B 11 9.47 -17.80 -20.33
CA GLY B 11 10.58 -17.06 -20.93
C GLY B 11 11.38 -17.86 -21.93
N GLY B 12 11.57 -17.26 -23.10
CA GLY B 12 12.33 -17.89 -24.17
C GLY B 12 12.49 -16.98 -25.37
N VAL B 13 13.45 -17.33 -26.23
CA VAL B 13 13.72 -16.56 -27.45
C VAL B 13 12.64 -16.88 -28.47
N GLY B 14 12.05 -18.07 -28.33
CA GLY B 14 11.00 -18.52 -29.23
C GLY B 14 9.76 -17.64 -29.16
N LYS B 15 9.29 -17.38 -27.95
CA LYS B 15 8.12 -16.54 -27.75
C LYS B 15 8.23 -15.20 -28.48
N THR B 16 9.43 -14.61 -28.45
CA THR B 16 9.66 -13.31 -29.09
C THR B 16 9.93 -13.43 -30.59
N THR B 17 9.95 -14.66 -31.09
CA THR B 17 10.18 -14.91 -32.50
C THR B 17 8.89 -15.39 -33.11
N LEU B 18 8.12 -16.11 -32.31
CA LEU B 18 6.84 -16.63 -32.74
C LEU B 18 5.95 -15.41 -32.96
N SER B 19 5.90 -14.54 -31.95
CA SER B 19 5.08 -13.34 -32.00
C SER B 19 5.45 -12.39 -33.13
N THR B 20 6.73 -12.21 -33.38
CA THR B 20 7.14 -11.32 -34.45
C THR B 20 6.70 -11.86 -35.80
N ASN B 21 6.89 -13.16 -36.03
CA ASN B 21 6.48 -13.75 -37.30
C ASN B 21 4.98 -13.68 -37.43
N VAL B 22 4.26 -14.16 -36.42
CA VAL B 22 2.82 -14.09 -36.48
C VAL B 22 2.33 -12.68 -36.81
N ALA B 23 3.09 -11.67 -36.40
CA ALA B 23 2.72 -10.28 -36.67
C ALA B 23 2.98 -9.95 -38.14
N HIS B 24 4.13 -10.37 -38.65
CA HIS B 24 4.47 -10.14 -40.05
C HIS B 24 3.34 -10.69 -40.92
N TYR B 25 2.99 -11.94 -40.66
CA TYR B 25 1.92 -12.59 -41.40
C TYR B 25 0.67 -11.73 -41.41
N PHE B 26 0.33 -11.16 -40.27
CA PHE B 26 -0.86 -10.31 -40.14
C PHE B 26 -0.79 -9.11 -41.08
N ALA B 27 0.41 -8.63 -41.35
CA ALA B 27 0.57 -7.49 -42.23
C ALA B 27 0.40 -7.96 -43.66
N LEU B 28 0.67 -9.25 -43.90
CA LEU B 28 0.54 -9.85 -45.23
C LEU B 28 -0.93 -10.03 -45.63
N GLN B 29 -1.84 -9.53 -44.80
CA GLN B 29 -3.26 -9.61 -45.10
C GLN B 29 -3.83 -8.22 -45.21
N GLY B 30 -2.93 -7.28 -45.46
CA GLY B 30 -3.31 -5.88 -45.62
C GLY B 30 -3.68 -5.26 -44.30
N LYS B 31 -3.38 -5.95 -43.20
CA LYS B 31 -3.68 -5.46 -41.87
C LYS B 31 -2.57 -4.51 -41.41
N ARG B 32 -3.00 -3.35 -40.90
CA ARG B 32 -2.07 -2.35 -40.40
C ARG B 32 -1.80 -2.75 -38.96
N VAL B 33 -0.62 -3.34 -38.73
CA VAL B 33 -0.23 -3.81 -37.40
C VAL B 33 0.84 -2.98 -36.70
N LEU B 34 0.63 -2.76 -35.41
CA LEU B 34 1.55 -2.02 -34.55
C LEU B 34 2.09 -3.00 -33.52
N TYR B 35 3.41 -3.01 -33.34
CA TYR B 35 4.04 -3.91 -32.39
C TYR B 35 4.66 -3.14 -31.24
N VAL B 36 4.12 -3.30 -30.04
CA VAL B 36 4.61 -2.59 -28.86
C VAL B 36 5.55 -3.45 -28.00
N ASP B 37 6.81 -3.04 -27.81
CA ASP B 37 7.72 -3.86 -26.99
C ASP B 37 7.74 -3.52 -25.48
N CYS B 38 6.86 -4.19 -24.72
CA CYS B 38 6.75 -3.99 -23.29
C CYS B 38 7.72 -4.85 -22.50
N ASP B 39 8.61 -5.50 -23.21
CA ASP B 39 9.60 -6.35 -22.58
C ASP B 39 10.83 -5.50 -22.31
N PRO B 40 11.20 -5.33 -21.03
CA PRO B 40 12.36 -4.54 -20.63
C PRO B 40 13.65 -4.99 -21.32
N GLN B 41 13.66 -6.23 -21.80
CA GLN B 41 14.82 -6.79 -22.48
C GLN B 41 14.94 -6.18 -23.85
N CYS B 42 13.80 -5.81 -24.43
CA CYS B 42 13.79 -5.21 -25.76
C CYS B 42 14.19 -6.22 -26.82
N ASN B 43 13.78 -7.47 -26.65
CA ASN B 43 14.17 -8.46 -27.64
C ASN B 43 13.54 -8.19 -28.99
N ALA B 44 12.23 -8.01 -28.99
CA ALA B 44 11.54 -7.76 -30.23
C ALA B 44 12.18 -6.58 -30.94
N THR B 45 12.33 -5.48 -30.20
CA THR B 45 12.94 -4.27 -30.75
C THR B 45 14.24 -4.53 -31.49
N GLN B 46 15.18 -5.18 -30.82
CA GLN B 46 16.47 -5.47 -31.46
C GLN B 46 16.36 -6.71 -32.35
N LEU B 47 15.28 -6.80 -33.11
CA LEU B 47 15.07 -7.94 -33.99
C LEU B 47 14.33 -7.46 -35.23
N LEU B 49 14.27 -3.97 -35.94
CA LEU B 49 14.79 -2.68 -36.32
C LEU B 49 16.25 -2.83 -36.70
N THR B 50 16.59 -2.34 -37.89
CA THR B 50 17.95 -2.40 -38.41
C THR B 50 18.93 -1.82 -37.39
N GLU B 51 20.20 -2.20 -37.48
CA GLU B 51 21.20 -1.67 -36.55
C GLU B 51 21.28 -0.14 -36.68
N GLU B 52 20.89 0.38 -37.84
CA GLU B 52 20.94 1.82 -38.06
C GLU B 52 19.72 2.48 -37.44
N GLN B 53 18.62 1.75 -37.36
CA GLN B 53 17.40 2.31 -36.77
C GLN B 53 17.55 2.33 -35.26
N THR B 54 18.31 1.37 -34.76
CA THR B 54 18.59 1.23 -33.35
C THR B 54 19.37 2.46 -32.89
N GLU B 55 20.43 2.80 -33.62
CA GLU B 55 21.25 3.95 -33.26
C GLU B 55 20.45 5.26 -33.29
N SER B 56 19.56 5.37 -34.26
CA SER B 56 18.71 6.55 -34.43
C SER B 56 17.68 6.68 -33.32
N ILE B 57 17.80 5.85 -32.29
CA ILE B 57 16.85 5.88 -31.18
C ILE B 57 17.55 5.90 -29.83
N TYR B 58 18.42 4.92 -29.62
CA TYR B 58 19.10 4.79 -28.35
C TYR B 58 20.40 5.58 -28.19
N LEU B 59 20.84 6.23 -29.27
CA LEU B 59 22.06 7.04 -29.25
C LEU B 59 21.86 8.34 -29.99
N ASP B 60 20.66 8.90 -29.93
CA ASP B 60 20.38 10.15 -30.63
C ASP B 60 20.95 11.32 -29.82
N GLY B 61 22.24 11.56 -29.99
CA GLY B 61 22.88 12.64 -29.27
C GLY B 61 24.39 12.50 -29.27
N LEU B 62 25.09 13.60 -29.05
CA LEU B 62 26.55 13.57 -29.04
C LEU B 62 27.10 13.15 -27.67
N ASN B 63 26.33 13.37 -26.62
CA ASN B 63 26.81 12.97 -25.31
C ASN B 63 25.78 12.08 -24.62
N ASP B 64 26.26 11.19 -23.76
CA ASP B 64 25.40 10.25 -23.05
C ASP B 64 24.13 10.83 -22.43
N GLU B 65 24.22 11.96 -21.74
CA GLU B 65 23.06 12.56 -21.10
C GLU B 65 21.93 12.97 -22.04
N VAL B 66 22.28 13.44 -23.22
CA VAL B 66 21.25 13.87 -24.17
C VAL B 66 20.76 12.67 -24.96
N ALA B 67 21.65 11.70 -25.12
CA ALA B 67 21.36 10.47 -25.83
C ALA B 67 20.31 9.71 -25.02
N GLU B 68 20.58 9.58 -23.73
CA GLU B 68 19.67 8.85 -22.85
C GLU B 68 18.28 9.49 -22.79
N ARG B 69 18.22 10.78 -22.49
CA ARG B 69 16.94 11.47 -22.38
C ARG B 69 16.11 11.42 -23.64
N ASN B 70 16.76 11.12 -24.75
CA ASN B 70 16.07 11.04 -26.03
C ASN B 70 15.46 9.68 -26.26
N SER B 71 16.24 8.63 -25.99
CA SER B 71 15.77 7.26 -26.16
C SER B 71 14.58 7.04 -25.24
N LEU B 72 14.50 7.85 -24.19
CA LEU B 72 13.39 7.77 -23.26
C LEU B 72 12.13 8.33 -23.90
N ALA B 73 12.26 9.24 -24.85
CA ALA B 73 11.07 9.78 -25.46
C ALA B 73 10.74 9.13 -26.78
N LYS B 74 11.69 8.36 -27.33
CA LYS B 74 11.46 7.70 -28.62
C LYS B 74 10.91 6.28 -28.45
N THR B 75 10.88 5.78 -27.22
CA THR B 75 10.37 4.43 -26.95
C THR B 75 9.02 4.45 -26.28
N VAL B 76 8.51 3.27 -25.98
CA VAL B 76 7.22 3.13 -25.32
C VAL B 76 7.18 3.82 -23.95
N TYR B 77 8.35 3.99 -23.35
CA TYR B 77 8.49 4.65 -22.05
C TYR B 77 7.81 6.00 -22.02
N ALA B 78 7.78 6.66 -23.16
CA ALA B 78 7.21 8.01 -23.29
C ALA B 78 5.70 8.07 -23.15
N ILE B 79 5.07 6.91 -23.21
CA ILE B 79 3.64 6.85 -23.09
C ILE B 79 3.28 7.02 -21.63
N PHE B 80 4.15 6.60 -20.72
CA PHE B 80 3.81 6.73 -19.31
C PHE B 80 4.27 7.99 -18.63
N VAL B 81 4.95 8.86 -19.38
CA VAL B 81 5.44 10.10 -18.81
C VAL B 81 4.39 10.89 -18.04
N PRO B 82 3.26 11.19 -18.68
CA PRO B 82 2.25 11.94 -17.92
C PRO B 82 1.70 11.16 -16.72
N LEU B 83 1.76 9.83 -16.79
CA LEU B 83 1.28 8.95 -15.72
C LEU B 83 2.25 8.91 -14.54
N ARG B 84 3.51 9.12 -14.88
CA ARG B 84 4.58 9.11 -13.92
C ARG B 84 4.63 10.47 -13.23
N GLU B 85 3.71 11.36 -13.62
CA GLU B 85 3.67 12.69 -13.03
C GLU B 85 2.35 12.99 -12.39
N GLY B 86 1.59 11.96 -12.06
CA GLY B 86 0.31 12.18 -11.40
C GLY B 86 -0.93 12.01 -12.24
N GLU B 87 -0.82 12.34 -13.53
CA GLU B 87 -1.94 12.21 -14.43
C GLU B 87 -2.34 10.76 -14.67
N SER B 88 -3.56 10.59 -15.20
CA SER B 88 -4.11 9.27 -15.49
C SER B 88 -4.42 9.13 -16.99
N GLN B 89 -3.57 9.71 -17.83
CA GLN B 89 -3.74 9.65 -19.28
C GLN B 89 -2.44 9.60 -20.02
N ILE B 90 -2.19 8.46 -20.63
CA ILE B 90 -0.99 8.21 -21.41
C ILE B 90 -0.73 9.30 -22.45
N ALA B 91 0.49 9.33 -22.96
CA ALA B 91 0.85 10.27 -23.99
C ALA B 91 0.44 9.59 -25.29
N ALA B 92 -0.79 9.86 -25.74
CA ALA B 92 -1.36 9.26 -26.96
C ALA B 92 -0.50 9.45 -28.22
N GLU B 93 0.12 10.63 -28.33
CA GLU B 93 0.99 10.99 -29.46
C GLU B 93 2.25 10.13 -29.44
N ILE B 94 2.18 8.99 -30.10
CA ILE B 94 3.29 8.05 -30.16
C ILE B 94 3.92 8.06 -31.54
N THR B 95 5.24 7.94 -31.57
CA THR B 95 6.01 7.93 -32.82
C THR B 95 6.48 6.52 -33.15
N PRO B 96 5.69 5.80 -33.97
CA PRO B 96 6.00 4.43 -34.38
C PRO B 96 7.16 4.40 -35.35
N ARG B 98 8.38 2.02 -38.95
CA ARG B 98 8.19 0.94 -39.90
C ARG B 98 9.31 -0.09 -39.84
N SER B 99 8.92 -1.36 -39.74
CA SER B 99 9.88 -2.45 -39.69
C SER B 99 10.20 -2.86 -41.11
N GLU B 100 11.24 -3.65 -41.28
CA GLU B 100 11.62 -4.08 -42.62
C GLU B 100 11.22 -5.52 -42.89
N ARG B 101 12.04 -6.43 -42.39
CA ARG B 101 11.83 -7.87 -42.53
C ARG B 101 10.40 -8.26 -42.08
N PHE B 102 9.64 -7.31 -41.52
CA PHE B 102 8.28 -7.63 -41.05
C PHE B 102 7.20 -6.71 -41.58
N GLY B 103 7.56 -5.52 -42.02
CA GLY B 103 6.54 -4.61 -42.53
C GLY B 103 5.43 -4.35 -41.54
N VAL B 104 5.81 -3.93 -40.34
CA VAL B 104 4.86 -3.63 -39.27
C VAL B 104 5.40 -2.48 -38.42
N ASP B 105 4.53 -1.53 -38.10
CA ASP B 105 4.95 -0.39 -37.27
C ASP B 105 5.35 -0.88 -35.90
N VAL B 106 6.60 -0.61 -35.51
CA VAL B 106 7.11 -1.05 -34.21
C VAL B 106 7.31 0.12 -33.22
N LEU B 107 7.02 -0.15 -31.96
CA LEU B 107 7.16 0.83 -30.91
C LEU B 107 8.33 0.32 -30.07
N PRO B 108 9.57 0.69 -30.44
CA PRO B 108 10.79 0.27 -29.74
C PRO B 108 10.63 0.27 -28.24
N GLY B 109 11.22 -0.73 -27.58
CA GLY B 109 11.11 -0.81 -26.12
C GLY B 109 12.26 -0.09 -25.46
N HIS B 110 12.30 -0.14 -24.14
CA HIS B 110 13.38 0.53 -23.41
C HIS B 110 13.57 -0.11 -22.04
N PRO B 111 14.82 -0.42 -21.69
CA PRO B 111 15.08 -1.06 -20.39
C PRO B 111 14.50 -0.30 -19.19
N ALA B 112 14.32 1.01 -19.37
CA ALA B 112 13.77 1.89 -18.34
C ALA B 112 12.38 1.46 -17.86
N LEU B 113 11.72 0.60 -18.63
CA LEU B 113 10.40 0.15 -18.24
C LEU B 113 10.45 -0.56 -16.91
N SER B 114 11.66 -0.86 -16.45
CA SER B 114 11.81 -1.53 -15.17
C SER B 114 11.19 -0.63 -14.09
N GLN B 115 11.21 0.68 -14.33
CA GLN B 115 10.64 1.61 -13.39
C GLN B 115 9.12 1.66 -13.49
N ILE B 116 8.61 1.46 -14.69
CA ILE B 116 7.16 1.47 -14.90
C ILE B 116 6.58 0.22 -14.23
N GLU B 117 7.35 -0.86 -14.21
CA GLU B 117 6.89 -2.10 -13.59
C GLU B 117 6.60 -1.90 -12.11
N ASP B 118 7.23 -0.88 -11.52
CA ASP B 118 7.06 -0.54 -10.11
C ASP B 118 5.87 0.40 -9.95
N LEU B 119 5.63 1.19 -11.00
CA LEU B 119 4.54 2.15 -11.03
C LEU B 119 3.23 1.38 -11.01
N SER B 121 2.92 -1.72 -10.01
CA SER B 121 2.90 -2.53 -8.81
C SER B 121 2.17 -1.73 -7.73
N ASP B 122 2.35 -0.41 -7.74
CA ASP B 122 1.69 0.43 -6.75
C ASP B 122 0.27 0.80 -7.19
N SER B 123 0.02 0.84 -8.50
CA SER B 123 -1.29 1.20 -9.01
C SER B 123 -2.31 0.07 -8.87
N TRP B 124 -1.86 -1.17 -9.05
CA TRP B 124 -2.73 -2.32 -8.91
C TRP B 124 -3.17 -2.47 -7.45
N GLN B 125 -2.24 -2.22 -6.53
CA GLN B 125 -2.53 -2.32 -5.11
C GLN B 125 -3.60 -1.29 -4.74
N SER B 126 -3.45 -0.08 -5.27
CA SER B 126 -4.39 0.99 -4.98
C SER B 126 -5.71 0.69 -5.65
N ALA B 127 -5.65 0.15 -6.86
CA ALA B 127 -6.85 -0.20 -7.61
C ALA B 127 -7.78 -1.04 -6.73
N LEU B 128 -7.21 -1.96 -5.97
CA LEU B 128 -7.99 -2.82 -5.09
C LEU B 128 -8.71 -1.98 -4.06
N GLY B 129 -8.05 -0.93 -3.58
CA GLY B 129 -8.64 -0.05 -2.59
C GLY B 129 -9.70 0.82 -3.22
N ARG B 130 -10.26 0.38 -4.34
CA ARG B 130 -11.31 1.13 -5.00
C ARG B 130 -10.91 2.57 -5.32
N GLN B 131 -9.62 2.83 -5.49
CA GLN B 131 -9.13 4.17 -5.84
C GLN B 131 -9.34 4.43 -7.32
N THR B 132 -10.46 5.06 -7.66
CA THR B 132 -10.79 5.33 -9.07
C THR B 132 -9.72 6.06 -9.85
N GLY B 133 -8.66 6.52 -9.17
CA GLY B 133 -7.60 7.22 -9.88
C GLY B 133 -6.66 6.23 -10.53
N PRO B 134 -5.96 5.43 -9.72
CA PRO B 134 -5.03 4.42 -10.26
C PRO B 134 -5.79 3.35 -11.04
N PHE B 135 -7.10 3.29 -10.84
CA PHE B 135 -7.90 2.32 -11.58
C PHE B 135 -7.77 2.63 -13.05
N ARG B 136 -7.80 3.91 -13.40
CA ARG B 136 -7.71 4.29 -14.79
C ARG B 136 -6.32 4.13 -15.38
N ARG B 137 -5.31 4.13 -14.50
CA ARG B 137 -3.92 3.96 -14.94
C ARG B 137 -3.61 2.53 -15.35
N ILE B 138 -4.17 1.57 -14.62
CA ILE B 138 -3.91 0.18 -14.91
C ILE B 138 -4.48 -0.17 -16.26
N HIS B 139 -5.33 0.71 -16.78
CA HIS B 139 -5.91 0.49 -18.07
C HIS B 139 -5.21 1.29 -19.13
N TRP B 140 -3.92 1.51 -18.96
CA TRP B 140 -3.20 2.27 -19.94
C TRP B 140 -3.18 1.54 -21.27
N ALA B 141 -3.19 0.21 -21.23
CA ALA B 141 -3.13 -0.56 -22.48
C ALA B 141 -4.34 -0.32 -23.37
N GLY B 142 -5.52 -0.45 -22.77
CA GLY B 142 -6.76 -0.24 -23.50
C GLY B 142 -6.83 1.21 -23.92
N GLN B 143 -6.24 2.07 -23.11
CA GLN B 143 -6.21 3.51 -23.41
C GLN B 143 -5.47 3.73 -24.73
N LEU B 144 -4.26 3.17 -24.85
CA LEU B 144 -3.48 3.31 -26.07
C LEU B 144 -4.24 2.80 -27.28
N ALA B 145 -4.91 1.66 -27.13
CA ALA B 145 -5.69 1.07 -28.21
C ALA B 145 -6.77 2.03 -28.67
N HIS B 146 -7.56 2.51 -27.73
CA HIS B 146 -8.64 3.43 -28.05
C HIS B 146 -8.13 4.67 -28.78
N ALA B 147 -6.86 4.99 -28.59
CA ALA B 147 -6.29 6.15 -29.25
C ALA B 147 -6.01 5.82 -30.71
N GLU B 149 -7.47 3.68 -32.47
CA GLU B 149 -8.74 3.39 -33.12
C GLU B 149 -9.45 4.68 -33.53
N ARG B 150 -9.52 5.65 -32.62
CA ARG B 150 -10.17 6.92 -32.92
C ARG B 150 -9.39 7.67 -33.98
N ASP B 151 -8.10 7.36 -34.10
CA ASP B 151 -7.25 8.00 -35.11
C ASP B 151 -7.12 7.07 -36.29
N ASP B 152 -7.77 5.92 -36.18
CA ASP B 152 -7.74 4.91 -37.22
C ASP B 152 -6.34 4.82 -37.85
N ARG B 153 -5.38 4.37 -37.06
CA ARG B 153 -4.01 4.24 -37.53
C ARG B 153 -3.58 2.79 -37.63
N TYR B 154 -4.30 1.89 -36.94
CA TYR B 154 -3.98 0.47 -37.00
C TYR B 154 -5.21 -0.41 -36.85
N ASP B 155 -5.06 -1.69 -37.18
CA ASP B 155 -6.15 -2.65 -37.11
C ASP B 155 -5.88 -3.69 -36.02
N VAL B 156 -4.59 -3.90 -35.74
CA VAL B 156 -4.15 -4.84 -34.72
C VAL B 156 -2.90 -4.35 -34.02
N ILE B 157 -2.87 -4.53 -32.72
CA ILE B 157 -1.74 -4.11 -31.92
C ILE B 157 -1.21 -5.29 -31.16
N PHE B 158 0.08 -5.56 -31.31
CA PHE B 158 0.73 -6.65 -30.61
C PHE B 158 1.39 -6.11 -29.35
N PHE B 159 1.33 -6.88 -28.27
CA PHE B 159 1.96 -6.48 -27.03
C PHE B 159 2.93 -7.58 -26.63
N ASP B 160 4.23 -7.37 -26.81
CA ASP B 160 5.22 -8.39 -26.44
C ASP B 160 5.65 -8.18 -24.99
N VAL B 161 5.40 -9.16 -24.13
CA VAL B 161 5.78 -9.00 -22.73
C VAL B 161 7.00 -9.85 -22.34
N GLY B 162 7.38 -9.76 -21.06
CA GLY B 162 8.52 -10.53 -20.59
C GLY B 162 8.06 -11.79 -19.91
N PRO B 163 9.00 -12.62 -19.42
CA PRO B 163 8.69 -13.88 -18.74
C PRO B 163 8.03 -13.64 -17.38
N SER B 164 8.23 -12.44 -16.84
CA SER B 164 7.68 -12.07 -15.55
C SER B 164 6.17 -12.10 -15.49
N LEU B 165 5.60 -12.38 -14.33
CA LEU B 165 4.15 -12.36 -14.23
C LEU B 165 3.73 -11.51 -13.06
N GLY B 166 4.24 -10.29 -13.06
CA GLY B 166 3.94 -9.36 -11.99
C GLY B 166 2.85 -8.36 -12.32
N PRO B 167 2.75 -7.27 -11.54
CA PRO B 167 1.74 -6.25 -11.78
C PRO B 167 1.74 -5.74 -13.21
N PHE B 168 2.87 -5.23 -13.69
CA PHE B 168 2.94 -4.71 -15.05
C PHE B 168 2.29 -5.63 -16.09
N ASN B 169 2.88 -6.81 -16.30
CA ASN B 169 2.34 -7.76 -17.28
C ASN B 169 0.86 -8.02 -17.13
N ARG B 170 0.36 -7.91 -15.90
CA ARG B 170 -1.05 -8.14 -15.65
C ARG B 170 -1.88 -7.06 -16.32
N THR B 171 -1.37 -5.83 -16.30
CA THR B 171 -2.07 -4.71 -16.88
C THR B 171 -1.95 -4.65 -18.38
N VAL B 172 -1.08 -5.46 -18.94
CA VAL B 172 -0.92 -5.48 -20.38
C VAL B 172 -2.04 -6.34 -20.94
N LEU B 173 -2.28 -7.46 -20.27
CA LEU B 173 -3.34 -8.36 -20.67
C LEU B 173 -4.70 -7.68 -20.55
N LEU B 174 -4.84 -6.72 -19.64
CA LEU B 174 -6.10 -6.01 -19.52
C LEU B 174 -6.44 -5.38 -20.86
N GLY B 175 -5.50 -4.62 -21.41
CA GLY B 175 -5.73 -3.96 -22.68
C GLY B 175 -5.75 -4.88 -23.88
N CYS B 176 -5.92 -6.16 -23.61
CA CYS B 176 -5.94 -7.17 -24.67
C CYS B 176 -7.31 -7.74 -24.99
N ASP B 177 -7.49 -8.09 -26.25
CA ASP B 177 -8.73 -8.69 -26.69
C ASP B 177 -8.56 -10.20 -26.59
N ALA B 178 -7.34 -10.66 -26.80
CA ALA B 178 -7.07 -12.09 -26.72
C ALA B 178 -5.57 -12.38 -26.66
N PHE B 179 -5.22 -13.59 -26.25
CA PHE B 179 -3.83 -13.98 -26.14
C PHE B 179 -3.66 -15.49 -26.26
N VAL B 180 -2.44 -15.91 -26.61
CA VAL B 180 -2.11 -17.33 -26.75
C VAL B 180 -0.94 -17.61 -25.83
N THR B 181 -0.73 -18.87 -25.47
CA THR B 181 0.39 -19.19 -24.58
C THR B 181 1.34 -20.25 -25.08
N PRO B 182 2.43 -19.87 -25.75
CA PRO B 182 3.39 -20.86 -26.25
C PRO B 182 4.20 -21.44 -25.09
N THR B 183 4.40 -22.75 -25.09
CA THR B 183 5.17 -23.39 -24.02
C THR B 183 6.34 -24.17 -24.60
N ALA B 184 7.23 -24.61 -23.74
CA ALA B 184 8.40 -25.35 -24.18
C ALA B 184 8.17 -26.85 -24.26
N THR B 185 7.38 -27.39 -23.33
CA THR B 185 7.08 -28.84 -23.32
C THR B 185 8.18 -29.67 -22.70
N ASP B 186 8.19 -29.74 -21.37
CA ASP B 186 9.20 -30.51 -20.65
C ASP B 186 8.88 -30.42 -19.17
N LEU B 187 9.54 -31.24 -18.37
CA LEU B 187 9.30 -31.23 -16.93
C LEU B 187 9.12 -29.83 -16.34
N PHE B 188 10.12 -28.97 -16.49
CA PHE B 188 10.01 -27.63 -15.92
C PHE B 188 8.97 -26.75 -16.57
N SER B 189 9.02 -26.63 -17.88
CA SER B 189 8.06 -25.81 -18.60
C SER B 189 6.64 -26.21 -18.27
N PHE B 190 6.45 -27.49 -17.99
CA PHE B 190 5.13 -27.95 -17.66
C PHE B 190 4.76 -27.45 -16.27
N HIS B 191 5.64 -27.65 -15.29
CA HIS B 191 5.34 -27.19 -13.93
C HIS B 191 5.19 -25.65 -13.94
N ALA B 192 5.71 -25.02 -14.98
CA ALA B 192 5.63 -23.59 -15.13
C ALA B 192 4.23 -23.24 -15.63
N PHE B 193 3.86 -23.87 -16.74
CA PHE B 193 2.56 -23.67 -17.38
C PHE B 193 1.38 -23.93 -16.46
N GLY B 194 1.61 -24.77 -15.45
CA GLY B 194 0.57 -25.09 -14.50
C GLY B 194 0.48 -23.99 -13.48
N ASN B 195 1.58 -23.29 -13.27
CA ASN B 195 1.55 -22.19 -12.33
C ASN B 195 0.79 -21.06 -13.02
N LEU B 196 1.27 -20.71 -14.21
CA LEU B 196 0.65 -19.65 -15.01
C LEU B 196 -0.86 -19.85 -15.11
N ALA B 197 -1.27 -21.11 -15.23
CA ALA B 197 -2.68 -21.46 -15.34
C ALA B 197 -3.42 -21.11 -14.07
N ARG B 198 -2.75 -21.34 -12.96
CA ARG B 198 -3.34 -21.07 -11.65
C ARG B 198 -3.22 -19.57 -11.37
N TRP B 199 -2.21 -18.94 -11.95
CA TRP B 199 -1.98 -17.51 -11.80
C TRP B 199 -3.09 -16.72 -12.49
N PHE B 200 -3.61 -17.27 -13.59
CA PHE B 200 -4.68 -16.60 -14.32
C PHE B 200 -5.95 -16.60 -13.54
N ASP B 201 -6.47 -17.78 -13.28
CA ASP B 201 -7.70 -17.91 -12.54
C ASP B 201 -7.62 -16.96 -11.36
N ALA B 202 -6.43 -16.90 -10.77
CA ALA B 202 -6.15 -16.07 -9.62
C ALA B 202 -6.40 -14.58 -9.81
N TRP B 203 -5.59 -13.91 -10.62
CA TRP B 203 -5.78 -12.47 -10.79
C TRP B 203 -7.00 -12.12 -11.63
N VAL B 204 -7.41 -13.04 -12.49
CA VAL B 204 -8.60 -12.81 -13.30
C VAL B 204 -9.80 -12.58 -12.37
N THR B 205 -9.99 -13.47 -11.40
CA THR B 205 -11.10 -13.35 -10.45
C THR B 205 -10.97 -12.11 -9.58
N GLN B 206 -9.74 -11.73 -9.28
CA GLN B 206 -9.49 -10.58 -8.46
C GLN B 206 -9.87 -9.34 -9.25
N TYR B 207 -9.33 -9.23 -10.47
CA TYR B 207 -9.63 -8.07 -11.32
C TYR B 207 -11.12 -7.94 -11.59
N ALA B 208 -11.83 -9.06 -11.60
CA ALA B 208 -13.27 -9.05 -11.80
C ALA B 208 -13.88 -8.23 -10.67
N GLU B 209 -13.19 -8.20 -9.54
CA GLU B 209 -13.61 -7.47 -8.35
C GLU B 209 -13.20 -6.00 -8.47
N ILE B 210 -11.92 -5.74 -8.76
CA ILE B 210 -11.42 -4.38 -8.92
C ILE B 210 -12.32 -3.56 -9.85
N HIS B 211 -12.84 -4.21 -10.88
CA HIS B 211 -13.71 -3.55 -11.83
C HIS B 211 -15.08 -3.25 -11.25
N GLU B 212 -15.85 -4.28 -10.98
CA GLU B 212 -17.18 -4.07 -10.44
C GLU B 212 -17.13 -3.17 -9.22
N GLY B 213 -16.04 -3.24 -8.46
CA GLY B 213 -15.91 -2.42 -7.27
C GLY B 213 -15.78 -0.95 -7.57
N ASN B 214 -14.75 -0.57 -8.33
CA ASN B 214 -14.54 0.81 -8.68
C ASN B 214 -15.71 1.44 -9.39
N ALA B 216 -18.76 0.91 -9.25
CA ALA B 216 -19.84 1.23 -8.33
C ALA B 216 -19.47 2.49 -7.55
N GLU B 217 -18.21 2.56 -7.16
CA GLU B 217 -17.69 3.67 -6.38
C GLU B 217 -17.66 4.97 -7.16
N TRP B 218 -17.20 4.90 -8.40
CA TRP B 218 -17.12 6.10 -9.22
C TRP B 218 -18.47 6.72 -9.41
N LYS B 219 -19.46 5.91 -9.75
CA LYS B 219 -20.81 6.40 -9.96
C LYS B 219 -21.34 7.17 -8.75
N LYS B 220 -20.80 6.90 -7.56
CA LYS B 220 -21.25 7.57 -6.34
C LYS B 220 -20.95 9.06 -6.26
N TYR B 221 -19.96 9.56 -7.00
CA TYR B 221 -19.69 10.99 -6.92
C TYR B 221 -19.45 11.67 -8.26
N SER B 222 -19.69 10.96 -9.35
CA SER B 222 -19.49 11.58 -10.65
C SER B 222 -20.63 11.21 -11.58
N ALA B 223 -21.11 12.20 -12.33
CA ALA B 223 -22.21 11.97 -13.26
C ALA B 223 -21.69 11.32 -14.53
N ASP B 224 -20.75 12.00 -15.18
CA ASP B 224 -20.16 11.49 -16.41
C ASP B 224 -19.14 10.39 -16.14
N VAL B 225 -19.66 9.17 -15.99
CA VAL B 225 -18.84 7.99 -15.73
C VAL B 225 -18.58 7.24 -17.05
N GLU B 226 -19.64 6.98 -17.82
CA GLU B 226 -19.50 6.30 -19.10
C GLU B 226 -18.62 7.15 -20.00
N ALA B 227 -18.54 8.45 -19.70
CA ALA B 227 -17.74 9.37 -20.46
C ALA B 227 -16.25 9.12 -20.23
N LYS B 228 -15.81 9.28 -18.98
CA LYS B 228 -14.42 9.07 -18.64
C LYS B 228 -13.97 7.62 -18.77
N THR B 229 -14.92 6.73 -19.05
CA THR B 229 -14.66 5.29 -19.20
C THR B 229 -14.39 4.82 -20.63
N ARG B 230 -15.06 5.42 -21.60
CA ARG B 230 -14.87 5.04 -22.97
C ARG B 230 -13.40 4.99 -23.39
N PRO B 231 -12.60 6.02 -23.06
CA PRO B 231 -11.18 5.98 -23.45
C PRO B 231 -10.44 4.77 -22.89
N LEU B 232 -11.11 4.01 -22.02
CA LEU B 232 -10.51 2.82 -21.45
C LEU B 232 -11.24 1.64 -22.12
N ARG B 233 -10.51 0.83 -22.90
CA ARG B 233 -11.12 -0.31 -23.58
C ARG B 233 -11.58 -1.31 -22.54
N LEU B 234 -12.59 -0.92 -21.77
CA LEU B 234 -13.11 -1.79 -20.74
C LEU B 234 -13.84 -2.98 -21.35
N GLY B 235 -13.39 -4.19 -21.01
CA GLY B 235 -14.02 -5.38 -21.53
C GLY B 235 -13.57 -5.78 -22.93
N GLY B 236 -12.57 -5.10 -23.47
CA GLY B 236 -12.11 -5.44 -24.81
C GLY B 236 -12.90 -4.69 -25.85
N PHE B 237 -12.90 -5.19 -27.08
CA PHE B 237 -13.61 -4.55 -28.19
C PHE B 237 -15.11 -4.84 -28.19
N ASP B 238 -15.61 -5.40 -27.11
CA ASP B 238 -17.03 -5.67 -27.02
C ASP B 238 -17.43 -5.96 -25.58
N GLY B 239 -16.60 -5.49 -24.64
CA GLY B 239 -16.88 -5.67 -23.22
C GLY B 239 -17.02 -7.12 -22.81
N GLU B 240 -16.36 -8.02 -23.53
CA GLU B 240 -16.44 -9.43 -23.21
C GLU B 240 -15.26 -9.91 -22.40
N GLY B 241 -14.28 -9.03 -22.24
CA GLY B 241 -13.11 -9.38 -21.47
C GLY B 241 -12.08 -10.15 -22.26
N LEU B 242 -11.01 -10.49 -21.56
CA LEU B 242 -9.90 -11.21 -22.15
C LEU B 242 -10.36 -12.54 -22.74
N ARG B 243 -9.94 -12.82 -23.96
CA ARG B 243 -10.30 -14.05 -24.64
C ARG B 243 -9.07 -14.92 -24.86
N TYR B 244 -9.17 -16.19 -24.50
CA TYR B 244 -8.05 -17.12 -24.65
C TYR B 244 -8.08 -17.83 -25.99
N LEU B 245 -7.00 -17.73 -26.76
CA LEU B 245 -6.97 -18.39 -28.06
C LEU B 245 -6.37 -19.79 -28.09
N GLY B 246 -5.78 -20.21 -26.98
CA GLY B 246 -5.18 -21.52 -26.91
C GLY B 246 -3.69 -21.47 -26.67
N TYR B 247 -3.01 -22.59 -26.89
CA TYR B 247 -1.57 -22.65 -26.69
C TYR B 247 -0.90 -23.19 -27.93
N THR B 248 0.43 -23.13 -27.93
CA THR B 248 1.26 -23.60 -29.03
C THR B 248 2.60 -24.08 -28.46
N THR B 249 2.89 -25.36 -28.64
CA THR B 249 4.14 -25.95 -28.13
C THR B 249 5.34 -25.65 -29.05
N LEU B 250 6.52 -25.52 -28.42
CA LEU B 250 7.78 -25.21 -29.12
C LEU B 250 8.76 -26.39 -29.02
N GLU B 268 4.15 -36.74 -27.45
CA GLU B 268 4.84 -36.18 -26.29
C GLU B 268 4.52 -36.90 -24.97
N ARG B 269 5.30 -36.58 -23.96
CA ARG B 269 5.14 -37.19 -22.65
C ARG B 269 4.21 -36.37 -21.76
N PHE B 270 3.91 -35.16 -22.20
CA PHE B 270 3.05 -34.28 -21.43
C PHE B 270 1.87 -33.82 -22.25
N ARG B 271 1.88 -34.18 -23.53
CA ARG B 271 0.81 -33.80 -24.45
C ARG B 271 -0.57 -33.71 -23.78
N GLY B 272 -0.99 -34.78 -23.12
CA GLY B 272 -2.28 -34.80 -22.47
C GLY B 272 -2.50 -33.75 -21.41
N ARG B 273 -1.69 -33.80 -20.36
CA ARG B 273 -1.75 -32.86 -19.26
C ARG B 273 -1.64 -31.40 -19.69
N PHE B 274 -0.87 -31.10 -20.75
CA PHE B 274 -0.78 -29.71 -21.19
C PHE B 274 -2.17 -29.26 -21.58
N ALA B 275 -2.74 -29.88 -22.61
CA ALA B 275 -4.08 -29.49 -23.05
C ALA B 275 -5.06 -29.49 -21.85
N ALA B 276 -4.77 -30.31 -20.86
CA ALA B 276 -5.60 -30.40 -19.68
C ALA B 276 -5.56 -29.10 -18.88
N GLU B 277 -4.35 -28.54 -18.75
CA GLU B 277 -4.14 -27.29 -17.99
C GLU B 277 -4.55 -26.11 -18.83
N ALA B 278 -4.37 -26.27 -20.13
CA ALA B 278 -4.75 -25.24 -21.09
C ALA B 278 -6.26 -25.06 -21.00
N GLU B 279 -6.98 -26.16 -20.79
CA GLU B 279 -8.43 -26.06 -20.70
C GLU B 279 -8.81 -25.25 -19.47
N ARG B 280 -8.17 -25.54 -18.33
CA ARG B 280 -8.44 -24.86 -17.07
C ARG B 280 -8.33 -23.33 -17.18
N ILE B 281 -7.52 -22.87 -18.12
CA ILE B 281 -7.34 -21.45 -18.38
C ILE B 281 -8.60 -21.01 -19.17
N SER B 282 -8.88 -21.70 -20.27
CA SER B 282 -10.05 -21.40 -21.10
C SER B 282 -11.33 -21.22 -20.26
N ASN B 283 -11.30 -21.61 -18.99
CA ASN B 283 -12.48 -21.44 -18.18
C ASN B 283 -12.39 -20.20 -17.33
N SER B 284 -11.38 -20.14 -16.49
CA SER B 284 -11.20 -18.99 -15.62
C SER B 284 -11.36 -17.67 -16.37
N LEU B 285 -11.22 -17.71 -17.70
CA LEU B 285 -11.37 -16.51 -18.52
C LEU B 285 -12.78 -16.32 -19.07
N SER B 286 -12.88 -15.63 -20.20
CA SER B 286 -14.16 -15.36 -20.84
C SER B 286 -14.79 -16.62 -21.42
N LYS B 287 -16.04 -16.51 -21.83
CA LYS B 287 -16.76 -17.64 -22.37
C LYS B 287 -16.45 -17.88 -23.85
N HIS B 288 -15.92 -16.87 -24.53
CA HIS B 288 -15.59 -17.03 -25.94
C HIS B 288 -14.19 -17.63 -26.08
N SER B 289 -13.54 -17.84 -24.93
CA SER B 289 -12.20 -18.41 -24.89
C SER B 289 -12.27 -19.84 -25.40
N ASN B 290 -11.23 -20.29 -26.08
CA ASN B 290 -11.27 -21.67 -26.57
C ASN B 290 -9.98 -22.41 -26.22
N SER B 291 -9.96 -23.54 -25.55
CA SER B 291 -8.66 -24.14 -25.24
C SER B 291 -7.88 -24.90 -26.33
N THR B 292 -8.15 -24.62 -27.60
CA THR B 292 -7.48 -25.33 -28.72
C THR B 292 -5.96 -25.20 -28.81
N LEU B 293 -5.33 -26.05 -29.62
CA LEU B 293 -3.89 -26.02 -29.78
C LEU B 293 -3.50 -25.45 -31.15
N LEU B 294 -3.37 -24.13 -31.23
CA LEU B 294 -3.03 -23.45 -32.48
C LEU B 294 -1.97 -24.11 -33.36
N GLY B 295 -1.14 -24.98 -32.80
CA GLY B 295 -0.14 -25.62 -33.62
C GLY B 295 1.17 -25.91 -32.91
N HIS B 296 2.15 -26.39 -33.66
CA HIS B 296 3.44 -26.74 -33.10
C HIS B 296 4.55 -26.27 -34.06
N VAL B 297 5.50 -25.52 -33.52
CA VAL B 297 6.62 -25.00 -34.30
C VAL B 297 7.97 -25.51 -33.75
N PRO B 298 8.86 -25.96 -34.66
CA PRO B 298 10.19 -26.48 -34.28
C PRO B 298 11.18 -25.44 -33.74
N ALA B 333 10.07 -24.59 -46.36
CA ALA B 333 10.80 -25.60 -45.59
C ALA B 333 10.53 -25.46 -44.09
N TYR B 334 9.63 -24.54 -43.73
CA TYR B 334 9.29 -24.29 -42.33
C TYR B 334 7.97 -23.52 -42.21
N ALA B 335 7.73 -22.64 -43.18
CA ALA B 335 6.53 -21.83 -43.24
C ALA B 335 5.33 -22.73 -42.99
N GLU B 336 5.33 -23.89 -43.66
CA GLU B 336 4.26 -24.87 -43.51
C GLU B 336 4.22 -25.46 -42.11
N LYS B 337 4.84 -24.75 -41.16
CA LYS B 337 4.86 -25.22 -39.78
C LYS B 337 4.61 -24.04 -38.85
N ILE B 338 4.98 -22.84 -39.29
CA ILE B 338 4.79 -21.65 -38.47
C ILE B 338 3.61 -20.82 -38.94
N ASN B 339 3.34 -20.84 -40.25
CA ASN B 339 2.21 -20.11 -40.81
C ASN B 339 0.95 -20.75 -40.30
N SER B 340 1.03 -22.05 -40.05
CA SER B 340 -0.10 -22.81 -39.56
C SER B 340 -0.59 -22.19 -38.24
N VAL B 341 0.34 -21.77 -37.39
CA VAL B 341 0.01 -21.14 -36.10
C VAL B 341 -0.52 -19.74 -36.36
N ALA B 342 0.12 -19.05 -37.30
CA ALA B 342 -0.29 -17.70 -37.65
C ALA B 342 -1.72 -17.73 -38.19
N ALA B 343 -1.96 -18.56 -39.19
CA ALA B 343 -3.27 -18.69 -39.80
C ALA B 343 -4.35 -18.98 -38.77
N ASN B 344 -4.17 -20.01 -37.95
CA ASN B 344 -5.18 -20.33 -36.95
C ASN B 344 -5.47 -19.17 -36.02
N VAL B 345 -4.41 -18.42 -35.67
CA VAL B 345 -4.55 -17.27 -34.78
C VAL B 345 -5.37 -16.20 -35.50
N TYR B 346 -5.07 -16.01 -36.78
CA TYR B 346 -5.78 -15.02 -37.59
C TYR B 346 -7.27 -15.38 -37.68
N LYS B 347 -7.59 -16.65 -37.97
CA LYS B 347 -8.98 -17.08 -38.09
C LYS B 347 -9.77 -16.80 -36.82
N ALA B 348 -9.08 -16.95 -35.69
CA ALA B 348 -9.65 -16.71 -34.37
C ALA B 348 -10.09 -15.26 -34.20
N LEU B 349 -9.13 -14.33 -34.28
CA LEU B 349 -9.42 -12.89 -34.13
C LEU B 349 -10.40 -12.32 -35.14
N PHE B 350 -10.23 -12.71 -36.40
CA PHE B 350 -11.09 -12.25 -37.48
C PHE B 350 -11.90 -13.37 -38.10
N PRO B 351 -13.08 -13.65 -37.54
CA PRO B 351 -13.96 -14.71 -38.04
C PRO B 351 -14.89 -14.22 -39.17
N ASN B 352 -14.40 -13.28 -39.97
CA ASN B 352 -15.15 -12.71 -41.09
C ASN B 352 -15.66 -13.78 -42.06
N ARG C 2 -20.29 -13.80 23.86
CA ARG C 2 -20.74 -12.82 22.89
C ARG C 2 -19.95 -11.53 22.96
N THR C 3 -19.84 -10.88 21.82
CA THR C 3 -19.14 -9.61 21.73
C THR C 3 -20.07 -8.61 21.07
N ILE C 4 -20.35 -7.53 21.79
CA ILE C 4 -21.23 -6.51 21.28
C ILE C 4 -20.52 -5.15 21.25
N SER C 5 -20.94 -4.28 20.34
CA SER C 5 -20.33 -2.95 20.25
C SER C 5 -21.36 -1.85 20.01
N PHE C 6 -21.08 -0.65 20.49
CA PHE C 6 -21.98 0.48 20.28
C PHE C 6 -21.30 1.44 19.33
N PHE C 7 -21.57 1.24 18.05
CA PHE C 7 -20.96 2.06 17.02
C PHE C 7 -21.72 3.30 16.64
N ASN C 8 -21.01 4.25 16.04
CA ASN C 8 -21.61 5.50 15.64
C ASN C 8 -20.49 6.34 15.07
N ASN C 9 -20.70 6.98 13.92
CA ASN C 9 -19.66 7.81 13.29
C ASN C 9 -19.77 9.30 13.64
N LYS C 10 -20.75 9.64 14.48
CA LYS C 10 -20.96 11.01 14.91
C LYS C 10 -20.75 11.03 16.42
N GLY C 11 -19.91 10.11 16.90
CA GLY C 11 -19.63 9.97 18.31
C GLY C 11 -19.64 11.18 19.24
N GLY C 12 -19.65 10.87 20.53
CA GLY C 12 -19.65 11.89 21.57
C GLY C 12 -19.72 11.25 22.96
N VAL C 13 -20.17 12.02 23.95
CA VAL C 13 -20.31 11.55 25.34
C VAL C 13 -21.51 10.62 25.51
N GLY C 14 -22.62 10.92 24.83
CA GLY C 14 -23.80 10.09 24.93
C GLY C 14 -23.60 8.64 24.50
N LYS C 15 -22.88 8.43 23.39
CA LYS C 15 -22.62 7.08 22.89
C LYS C 15 -21.82 6.23 23.88
N THR C 16 -20.82 6.86 24.52
CA THR C 16 -19.96 6.19 25.49
C THR C 16 -20.63 6.06 26.87
N THR C 17 -21.39 7.08 27.26
CA THR C 17 -22.09 7.08 28.53
C THR C 17 -23.18 6.00 28.49
N LEU C 18 -23.68 5.73 27.28
CA LEU C 18 -24.71 4.72 27.11
C LEU C 18 -24.03 3.38 27.26
N SER C 19 -23.18 3.07 26.28
CA SER C 19 -22.41 1.82 26.23
C SER C 19 -21.94 1.34 27.62
N THR C 20 -21.42 2.25 28.44
CA THR C 20 -20.96 1.88 29.77
C THR C 20 -22.09 1.35 30.65
N ASN C 21 -23.17 2.12 30.76
CA ASN C 21 -24.31 1.72 31.57
C ASN C 21 -24.97 0.41 31.14
N VAL C 22 -25.07 0.19 29.84
CA VAL C 22 -25.66 -1.05 29.38
C VAL C 22 -24.75 -2.20 29.82
N ALA C 23 -23.43 -1.94 29.84
CA ALA C 23 -22.46 -2.96 30.26
C ALA C 23 -22.65 -3.26 31.74
N HIS C 24 -23.06 -2.24 32.50
CA HIS C 24 -23.33 -2.40 33.92
C HIS C 24 -24.55 -3.32 34.06
N TYR C 25 -25.59 -3.00 33.30
CA TYR C 25 -26.81 -3.79 33.32
C TYR C 25 -26.45 -5.25 33.07
N PHE C 26 -25.60 -5.52 32.06
CA PHE C 26 -25.20 -6.90 31.79
C PHE C 26 -24.55 -7.52 33.03
N ALA C 27 -23.90 -6.68 33.84
CA ALA C 27 -23.25 -7.16 35.04
C ALA C 27 -24.34 -7.54 36.06
N LEU C 28 -25.27 -6.62 36.32
CA LEU C 28 -26.34 -6.87 37.27
C LEU C 28 -27.21 -8.07 36.89
N GLN C 29 -27.00 -8.64 35.71
CA GLN C 29 -27.79 -9.80 35.29
C GLN C 29 -26.88 -11.02 35.40
N GLY C 30 -25.83 -10.87 36.20
CA GLY C 30 -24.88 -11.95 36.39
C GLY C 30 -24.14 -12.30 35.12
N LYS C 31 -23.16 -11.49 34.77
CA LYS C 31 -22.37 -11.71 33.57
C LYS C 31 -20.98 -11.12 33.77
N ARG C 32 -19.97 -11.91 33.47
CA ARG C 32 -18.59 -11.44 33.59
C ARG C 32 -18.34 -10.54 32.36
N VAL C 33 -18.32 -9.23 32.60
CA VAL C 33 -18.15 -8.22 31.55
C VAL C 33 -16.73 -7.66 31.42
N LEU C 34 -16.21 -7.73 30.19
CA LEU C 34 -14.89 -7.21 29.83
C LEU C 34 -15.16 -6.05 28.89
N TYR C 35 -14.80 -4.84 29.31
CA TYR C 35 -15.03 -3.64 28.51
C TYR C 35 -13.69 -3.10 28.00
N VAL C 36 -13.47 -3.21 26.70
CA VAL C 36 -12.24 -2.75 26.09
C VAL C 36 -12.38 -1.35 25.51
N ASP C 37 -11.52 -0.40 25.90
CA ASP C 37 -11.63 0.97 25.38
C ASP C 37 -10.66 1.17 24.22
N CYS C 38 -11.17 1.06 22.99
CA CYS C 38 -10.34 1.22 21.79
C CYS C 38 -10.31 2.62 21.27
N ASP C 39 -11.03 3.51 21.95
CA ASP C 39 -11.07 4.89 21.53
C ASP C 39 -9.86 5.64 22.05
N PRO C 40 -9.03 6.16 21.15
CA PRO C 40 -7.82 6.90 21.55
C PRO C 40 -8.14 8.05 22.52
N GLN C 41 -9.38 8.51 22.48
CA GLN C 41 -9.86 9.59 23.34
C GLN C 41 -9.86 9.13 24.79
N CYS C 42 -10.05 7.83 24.98
CA CYS C 42 -10.10 7.22 26.30
C CYS C 42 -11.24 7.83 27.11
N ASN C 43 -12.46 7.58 26.67
CA ASN C 43 -13.61 8.12 27.39
C ASN C 43 -14.08 7.14 28.45
N ALA C 44 -14.51 5.98 27.99
CA ALA C 44 -14.99 4.94 28.88
C ALA C 44 -13.94 4.67 29.94
N THR C 45 -12.66 4.81 29.59
CA THR C 45 -11.62 4.57 30.56
C THR C 45 -11.70 5.57 31.70
N GLN C 46 -11.62 6.85 31.40
CA GLN C 46 -11.67 7.81 32.51
C GLN C 46 -13.08 8.06 32.99
N LEU C 47 -13.92 7.05 32.88
CA LEU C 47 -15.29 7.20 33.30
C LEU C 47 -15.66 6.03 34.19
N LEU C 49 -12.85 4.22 35.96
CA LEU C 49 -11.74 4.02 36.86
C LEU C 49 -11.45 5.33 37.60
N THR C 50 -11.08 5.25 38.87
CA THR C 50 -10.79 6.44 39.67
C THR C 50 -9.45 7.06 39.34
N GLU C 51 -9.27 8.32 39.76
CA GLU C 51 -8.01 9.01 39.51
C GLU C 51 -6.84 8.24 40.10
N GLU C 52 -7.11 7.43 41.13
CA GLU C 52 -6.06 6.63 41.73
C GLU C 52 -5.73 5.49 40.77
N GLN C 53 -6.75 4.91 40.14
CA GLN C 53 -6.50 3.83 39.19
C GLN C 53 -5.82 4.38 37.94
N THR C 54 -6.35 5.51 37.48
CA THR C 54 -5.86 6.22 36.31
C THR C 54 -4.36 6.53 36.44
N GLU C 55 -4.04 7.26 37.50
CA GLU C 55 -2.69 7.69 37.85
C GLU C 55 -1.66 6.58 37.78
N SER C 56 -2.05 5.38 38.21
CA SER C 56 -1.16 4.25 38.22
C SER C 56 -1.08 3.57 36.87
N ILE C 57 -1.86 4.05 35.91
CA ILE C 57 -1.89 3.47 34.57
C ILE C 57 -1.12 4.30 33.56
N TYR C 58 -1.03 5.61 33.77
CA TYR C 58 -0.31 6.48 32.85
C TYR C 58 0.85 7.24 33.47
N LEU C 59 0.59 7.91 34.59
CA LEU C 59 1.57 8.72 35.33
C LEU C 59 2.64 7.96 36.14
N ASP C 60 2.29 6.74 36.55
CA ASP C 60 3.17 5.91 37.36
C ASP C 60 4.42 5.49 36.61
N GLY C 61 5.54 5.53 37.30
CA GLY C 61 6.80 5.17 36.69
C GLY C 61 7.90 6.05 37.23
N LEU C 62 9.07 5.46 37.42
CA LEU C 62 10.26 6.14 37.93
C LEU C 62 10.49 7.55 37.37
N ASN C 63 10.94 7.61 36.12
CA ASN C 63 11.17 8.87 35.40
C ASN C 63 10.21 8.91 34.21
N ASP C 64 9.77 10.11 33.86
CA ASP C 64 8.86 10.36 32.73
C ASP C 64 8.90 9.34 31.57
N GLU C 65 10.11 9.00 31.12
CA GLU C 65 10.28 8.06 30.01
C GLU C 65 9.80 6.68 30.43
N VAL C 66 10.34 6.17 31.52
CA VAL C 66 9.96 4.85 32.02
C VAL C 66 8.46 4.75 32.28
N ALA C 67 7.89 5.84 32.80
CA ALA C 67 6.47 5.89 33.09
C ALA C 67 5.70 5.62 31.83
N GLU C 68 6.00 6.40 30.80
CA GLU C 68 5.32 6.23 29.53
C GLU C 68 5.41 4.79 29.05
N ARG C 69 6.62 4.26 28.94
CA ARG C 69 6.78 2.88 28.47
C ARG C 69 5.90 1.90 29.23
N ASN C 70 5.59 2.27 30.47
CA ASN C 70 4.76 1.48 31.35
C ASN C 70 3.30 1.54 30.94
N SER C 71 2.79 2.75 30.73
CA SER C 71 1.40 2.95 30.33
C SER C 71 1.10 2.18 29.05
N LEU C 72 2.12 1.93 28.25
CA LEU C 72 1.92 1.20 27.01
C LEU C 72 1.71 -0.28 27.26
N ALA C 73 2.11 -0.76 28.44
CA ALA C 73 1.98 -2.17 28.74
C ALA C 73 0.82 -2.47 29.67
N LYS C 74 0.17 -1.43 30.16
CA LYS C 74 -0.94 -1.63 31.07
C LYS C 74 -2.27 -1.45 30.35
N THR C 75 -2.23 -0.82 29.17
CA THR C 75 -3.43 -0.56 28.38
C THR C 75 -3.61 -1.57 27.25
N VAL C 76 -4.72 -1.44 26.53
CA VAL C 76 -5.05 -2.31 25.42
C VAL C 76 -3.91 -2.39 24.40
N TYR C 77 -3.16 -1.29 24.31
CA TYR C 77 -2.02 -1.17 23.40
C TYR C 77 -1.17 -2.43 23.43
N ALA C 78 -0.92 -2.93 24.63
CA ALA C 78 -0.13 -4.13 24.85
C ALA C 78 -0.51 -5.36 24.04
N ILE C 79 -1.79 -5.52 23.74
CA ILE C 79 -2.18 -6.70 23.00
C ILE C 79 -1.77 -6.60 21.56
N PHE C 80 -1.13 -5.49 21.21
CA PHE C 80 -0.68 -5.24 19.84
C PHE C 80 0.84 -5.25 19.70
N VAL C 81 1.54 -5.11 20.81
CA VAL C 81 2.99 -5.09 20.77
C VAL C 81 3.60 -6.16 19.86
N PRO C 82 3.18 -7.42 20.00
CA PRO C 82 3.74 -8.48 19.14
C PRO C 82 3.48 -8.24 17.65
N LEU C 83 2.29 -7.76 17.32
CA LEU C 83 1.93 -7.49 15.93
C LEU C 83 2.87 -6.47 15.33
N ARG C 84 3.20 -5.45 16.11
CA ARG C 84 4.12 -4.41 15.64
C ARG C 84 5.54 -4.93 15.57
N GLU C 85 5.71 -6.22 15.35
CA GLU C 85 7.03 -6.80 15.25
C GLU C 85 7.06 -7.96 14.30
N GLY C 86 5.97 -8.15 13.57
CA GLY C 86 5.94 -9.23 12.60
C GLY C 86 5.24 -10.46 13.10
N GLU C 87 4.37 -10.29 14.09
CA GLU C 87 3.64 -11.42 14.63
C GLU C 87 2.19 -11.41 14.16
N SER C 88 1.59 -12.59 14.14
CA SER C 88 0.20 -12.75 13.73
C SER C 88 -0.70 -12.84 14.96
N GLN C 89 -0.19 -13.38 16.07
CA GLN C 89 -1.02 -13.50 17.28
C GLN C 89 -0.84 -12.28 18.16
N ILE C 90 -1.85 -11.97 18.94
CA ILE C 90 -1.78 -10.82 19.82
C ILE C 90 -1.27 -11.24 21.19
N ALA C 91 -0.83 -10.27 21.98
CA ALA C 91 -0.34 -10.54 23.31
C ALA C 91 -1.43 -11.32 24.05
N ALA C 92 -1.24 -12.64 24.14
CA ALA C 92 -2.19 -13.55 24.79
C ALA C 92 -2.70 -13.06 26.16
N GLU C 93 -1.90 -13.32 27.21
CA GLU C 93 -2.24 -12.92 28.57
C GLU C 93 -2.29 -11.40 28.68
N ILE C 94 -3.46 -10.88 29.06
CA ILE C 94 -3.66 -9.45 29.22
C ILE C 94 -4.03 -9.14 30.66
N THR C 95 -3.81 -7.89 31.05
CA THR C 95 -4.09 -7.46 32.42
C THR C 95 -5.24 -6.47 32.50
N PRO C 96 -6.46 -6.98 32.69
CA PRO C 96 -7.65 -6.13 32.79
C PRO C 96 -7.71 -5.40 34.11
N ARG C 98 -10.62 -4.07 37.25
CA ARG C 98 -11.97 -4.03 37.80
C ARG C 98 -12.48 -2.62 38.02
N SER C 99 -13.75 -2.43 37.75
CA SER C 99 -14.37 -1.13 37.93
C SER C 99 -15.31 -1.22 39.12
N GLU C 100 -15.13 -0.32 40.09
CA GLU C 100 -15.97 -0.33 41.28
C GLU C 100 -17.41 0.04 40.96
N ARG C 101 -17.60 1.25 40.46
CA ARG C 101 -18.94 1.73 40.12
C ARG C 101 -19.68 0.81 39.17
N PHE C 102 -19.09 0.55 38.01
CA PHE C 102 -19.73 -0.29 37.00
C PHE C 102 -19.64 -1.78 37.26
N GLY C 103 -18.66 -2.18 38.06
CA GLY C 103 -18.50 -3.58 38.37
C GLY C 103 -18.27 -4.45 37.15
N VAL C 104 -17.37 -3.99 36.28
CA VAL C 104 -17.01 -4.71 35.06
C VAL C 104 -15.52 -4.57 34.89
N ASP C 105 -14.92 -5.52 34.19
CA ASP C 105 -13.49 -5.50 33.93
C ASP C 105 -13.16 -4.64 32.70
N VAL C 106 -12.51 -3.50 32.95
CA VAL C 106 -12.14 -2.59 31.88
C VAL C 106 -10.65 -2.64 31.53
N LEU C 107 -10.39 -2.74 30.23
CA LEU C 107 -9.03 -2.78 29.68
C LEU C 107 -8.78 -1.36 29.18
N PRO C 108 -8.19 -0.51 30.03
CA PRO C 108 -7.88 0.89 29.75
C PRO C 108 -7.26 1.17 28.38
N GLY C 109 -7.66 2.28 27.78
CA GLY C 109 -7.15 2.63 26.46
C GLY C 109 -5.92 3.51 26.57
N HIS C 110 -5.29 3.79 25.43
CA HIS C 110 -4.10 4.61 25.41
C HIS C 110 -4.20 5.54 24.21
N PRO C 111 -3.91 6.85 24.38
CA PRO C 111 -4.00 7.80 23.28
C PRO C 111 -3.00 7.48 22.17
N ALA C 112 -2.12 6.53 22.44
CA ALA C 112 -1.12 6.10 21.48
C ALA C 112 -1.68 4.99 20.60
N LEU C 113 -2.97 4.73 20.70
CA LEU C 113 -3.56 3.70 19.88
C LEU C 113 -3.58 4.21 18.47
N SER C 114 -3.37 5.51 18.33
CA SER C 114 -3.35 6.17 17.03
C SER C 114 -2.33 5.45 16.15
N GLN C 115 -1.33 4.87 16.81
CA GLN C 115 -0.27 4.14 16.14
C GLN C 115 -0.81 2.85 15.55
N ILE C 116 -1.72 2.21 16.27
CA ILE C 116 -2.30 0.98 15.79
C ILE C 116 -3.22 1.27 14.64
N GLU C 117 -3.79 2.47 14.62
CA GLU C 117 -4.69 2.86 13.54
C GLU C 117 -3.97 2.85 12.20
N ASP C 118 -2.67 3.11 12.20
CA ASP C 118 -1.88 3.12 10.97
C ASP C 118 -1.39 1.72 10.65
N LEU C 119 -1.38 0.88 11.68
CA LEU C 119 -0.97 -0.51 11.60
C LEU C 119 -2.07 -1.28 10.89
N SER C 121 -4.54 0.08 9.17
CA SER C 121 -4.81 0.66 7.87
C SER C 121 -3.95 -0.05 6.82
N ASP C 122 -2.69 -0.27 7.16
CA ASP C 122 -1.75 -0.96 6.29
C ASP C 122 -2.11 -2.43 6.14
N SER C 123 -2.39 -3.10 7.25
CA SER C 123 -2.76 -4.51 7.24
C SER C 123 -3.97 -4.74 6.33
N TRP C 124 -4.97 -3.87 6.45
CA TRP C 124 -6.16 -3.96 5.64
C TRP C 124 -5.76 -3.85 4.17
N GLN C 125 -4.92 -2.88 3.83
CA GLN C 125 -4.51 -2.72 2.44
C GLN C 125 -3.89 -4.03 1.95
N SER C 126 -2.90 -4.52 2.69
CA SER C 126 -2.20 -5.76 2.34
C SER C 126 -3.17 -6.94 2.30
N ALA C 127 -4.03 -7.05 3.31
CA ALA C 127 -5.00 -8.12 3.37
C ALA C 127 -5.79 -8.27 2.08
N LEU C 128 -5.94 -7.19 1.33
CA LEU C 128 -6.68 -7.20 0.07
C LEU C 128 -5.88 -7.88 -1.02
N GLY C 129 -4.57 -7.81 -0.91
CA GLY C 129 -3.71 -8.45 -1.90
C GLY C 129 -3.58 -9.93 -1.62
N ARG C 130 -4.53 -10.46 -0.83
CA ARG C 130 -4.57 -11.87 -0.44
C ARG C 130 -3.32 -12.31 0.31
N GLN C 131 -2.85 -11.49 1.23
CA GLN C 131 -1.66 -11.81 2.03
C GLN C 131 -2.14 -12.33 3.39
N THR C 132 -1.94 -13.62 3.64
CA THR C 132 -2.37 -14.22 4.90
C THR C 132 -1.69 -13.59 6.11
N GLY C 133 -0.49 -13.04 5.90
CA GLY C 133 0.21 -12.40 6.99
C GLY C 133 -0.70 -11.39 7.66
N PRO C 134 -0.99 -10.26 7.00
CA PRO C 134 -1.87 -9.20 7.54
C PRO C 134 -3.32 -9.64 7.69
N PHE C 135 -3.72 -10.67 6.96
CA PHE C 135 -5.08 -11.17 7.05
C PHE C 135 -5.35 -11.66 8.47
N ARG C 136 -4.34 -12.21 9.13
CA ARG C 136 -4.57 -12.69 10.48
C ARG C 136 -4.58 -11.54 11.47
N ARG C 137 -3.84 -10.49 11.14
CA ARG C 137 -3.75 -9.33 12.00
C ARG C 137 -5.03 -8.52 12.13
N ILE C 138 -5.78 -8.34 11.04
CA ILE C 138 -7.02 -7.55 11.10
C ILE C 138 -8.06 -8.25 11.94
N HIS C 139 -7.76 -9.48 12.32
CA HIS C 139 -8.69 -10.23 13.12
C HIS C 139 -8.34 -10.28 14.61
N TRP C 140 -7.46 -9.38 15.05
CA TRP C 140 -7.08 -9.38 16.45
C TRP C 140 -8.31 -9.38 17.33
N ALA C 141 -9.33 -8.63 16.94
CA ALA C 141 -10.57 -8.56 17.73
C ALA C 141 -11.06 -9.97 18.04
N GLY C 142 -11.13 -10.81 17.01
CA GLY C 142 -11.56 -12.18 17.19
C GLY C 142 -10.55 -12.94 18.03
N GLN C 143 -9.27 -12.61 17.89
CA GLN C 143 -8.23 -13.29 18.66
C GLN C 143 -8.38 -13.08 20.16
N LEU C 144 -8.58 -11.83 20.55
CA LEU C 144 -8.75 -11.50 21.95
C LEU C 144 -10.02 -12.12 22.46
N ALA C 145 -11.04 -12.19 21.62
CA ALA C 145 -12.32 -12.75 22.04
C ALA C 145 -12.29 -14.25 22.21
N HIS C 146 -11.29 -14.89 21.62
CA HIS C 146 -11.18 -16.34 21.69
C HIS C 146 -10.28 -16.72 22.84
N ALA C 147 -9.42 -15.80 23.23
CA ALA C 147 -8.51 -16.03 24.31
C ALA C 147 -9.27 -15.91 25.63
N GLU C 149 -12.42 -16.65 25.85
CA GLU C 149 -13.42 -17.69 25.82
C GLU C 149 -12.78 -19.03 26.11
N ARG C 150 -11.66 -19.31 25.46
CA ARG C 150 -10.97 -20.58 25.67
C ARG C 150 -10.43 -20.74 27.09
N ASP C 151 -10.22 -19.61 27.77
CA ASP C 151 -9.73 -19.61 29.15
C ASP C 151 -10.89 -19.33 30.09
N ASP C 152 -12.09 -19.27 29.52
CA ASP C 152 -13.33 -19.01 30.26
C ASP C 152 -13.09 -17.94 31.34
N ARG C 153 -12.91 -16.70 30.89
CA ARG C 153 -12.66 -15.59 31.79
C ARG C 153 -13.77 -14.55 31.76
N TYR C 154 -14.51 -14.50 30.67
CA TYR C 154 -15.61 -13.57 30.56
C TYR C 154 -16.70 -14.16 29.73
N ASP C 155 -17.89 -13.57 29.83
CA ASP C 155 -19.06 -14.03 29.09
C ASP C 155 -19.48 -13.08 27.99
N VAL C 156 -19.17 -11.81 28.16
CA VAL C 156 -19.52 -10.82 27.17
C VAL C 156 -18.41 -9.76 27.15
N ILE C 157 -17.99 -9.38 25.94
CA ILE C 157 -16.96 -8.38 25.71
C ILE C 157 -17.59 -7.15 25.11
N PHE C 158 -17.20 -5.97 25.55
CA PHE C 158 -17.73 -4.76 24.97
C PHE C 158 -16.62 -3.98 24.31
N PHE C 159 -16.73 -3.72 23.03
CA PHE C 159 -15.71 -2.93 22.36
C PHE C 159 -16.19 -1.50 22.21
N ASP C 160 -15.46 -0.53 22.77
CA ASP C 160 -15.85 0.88 22.64
C ASP C 160 -14.92 1.55 21.61
N VAL C 161 -15.50 2.00 20.51
CA VAL C 161 -14.73 2.64 19.44
C VAL C 161 -15.00 4.12 19.26
N GLY C 162 -14.13 4.75 18.47
CA GLY C 162 -14.25 6.17 18.21
C GLY C 162 -15.21 6.39 17.08
N PRO C 163 -15.44 7.65 16.69
CA PRO C 163 -16.36 7.98 15.60
C PRO C 163 -15.78 7.70 14.22
N SER C 164 -14.46 7.63 14.14
CA SER C 164 -13.78 7.38 12.89
C SER C 164 -14.31 6.20 12.09
N LEU C 165 -14.31 6.32 10.76
CA LEU C 165 -14.76 5.22 9.91
C LEU C 165 -13.60 4.58 9.18
N GLY C 166 -12.41 4.72 9.75
CA GLY C 166 -11.21 4.17 9.16
C GLY C 166 -11.09 2.67 9.22
N PRO C 167 -9.93 2.11 8.84
CA PRO C 167 -9.74 0.66 8.86
C PRO C 167 -9.75 0.09 10.27
N PHE C 168 -9.13 0.77 11.21
CA PHE C 168 -9.12 0.25 12.55
C PHE C 168 -10.51 -0.11 13.08
N ASN C 169 -11.41 0.86 13.10
CA ASN C 169 -12.76 0.59 13.58
C ASN C 169 -13.41 -0.57 12.84
N ARG C 170 -13.06 -0.77 11.58
CA ARG C 170 -13.63 -1.86 10.83
C ARG C 170 -13.20 -3.17 11.48
N THR C 171 -11.91 -3.27 11.78
CA THR C 171 -11.34 -4.46 12.40
C THR C 171 -12.03 -4.79 13.72
N VAL C 172 -12.42 -3.75 14.43
CA VAL C 172 -13.12 -3.94 15.70
C VAL C 172 -14.47 -4.57 15.43
N LEU C 173 -15.18 -4.05 14.44
CA LEU C 173 -16.49 -4.57 14.10
C LEU C 173 -16.43 -6.02 13.61
N LEU C 174 -15.26 -6.46 13.17
CA LEU C 174 -15.09 -7.84 12.70
C LEU C 174 -15.20 -8.80 13.89
N GLY C 175 -14.62 -8.42 15.02
CA GLY C 175 -14.67 -9.25 16.20
C GLY C 175 -15.95 -9.12 17.04
N CYS C 176 -16.95 -8.42 16.50
CA CYS C 176 -18.23 -8.26 17.21
C CYS C 176 -19.32 -9.19 16.66
N ASP C 177 -20.08 -9.81 17.56
CA ASP C 177 -21.16 -10.70 17.17
C ASP C 177 -22.36 -9.84 16.78
N ALA C 178 -22.48 -8.69 17.45
CA ALA C 178 -23.58 -7.77 17.22
C ALA C 178 -23.21 -6.35 17.66
N PHE C 179 -23.99 -5.37 17.21
CA PHE C 179 -23.74 -3.98 17.56
C PHE C 179 -24.98 -3.16 17.39
N VAL C 180 -25.04 -2.01 18.05
CA VAL C 180 -26.19 -1.09 17.94
C VAL C 180 -25.66 0.25 17.48
N THR C 181 -26.53 1.13 17.00
CA THR C 181 -26.07 2.44 16.55
C THR C 181 -26.86 3.62 17.06
N PRO C 182 -26.51 4.15 18.22
CA PRO C 182 -27.25 5.31 18.76
C PRO C 182 -27.04 6.56 17.93
N THR C 183 -28.08 7.38 17.75
CA THR C 183 -27.97 8.62 16.95
C THR C 183 -28.47 9.84 17.70
N ALA C 184 -28.26 11.01 17.13
CA ALA C 184 -28.69 12.22 17.80
C ALA C 184 -30.01 12.81 17.34
N THR C 185 -30.55 12.29 16.23
CA THR C 185 -31.83 12.75 15.66
C THR C 185 -31.89 14.15 15.04
N ASP C 186 -30.84 14.97 15.16
CA ASP C 186 -30.91 16.28 14.55
C ASP C 186 -30.54 16.16 13.07
N LEU C 187 -30.60 17.27 12.33
CA LEU C 187 -30.30 17.25 10.90
C LEU C 187 -28.97 16.58 10.54
N PHE C 188 -27.87 17.14 11.06
CA PHE C 188 -26.51 16.64 10.79
C PHE C 188 -26.27 15.22 11.25
N SER C 189 -26.85 14.89 12.41
CA SER C 189 -26.70 13.58 12.99
C SER C 189 -27.36 12.52 12.10
N PHE C 190 -28.42 12.91 11.39
CA PHE C 190 -29.15 12.02 10.49
C PHE C 190 -28.38 11.86 9.16
N HIS C 191 -27.93 12.99 8.64
CA HIS C 191 -27.19 12.99 7.40
C HIS C 191 -25.98 12.09 7.59
N ALA C 192 -25.49 12.02 8.83
CA ALA C 192 -24.34 11.21 9.17
C ALA C 192 -24.71 9.74 9.27
N PHE C 193 -25.87 9.48 9.83
CA PHE C 193 -26.36 8.12 10.02
C PHE C 193 -26.64 7.45 8.68
N GLY C 194 -26.94 8.26 7.67
CA GLY C 194 -27.20 7.71 6.37
C GLY C 194 -25.91 7.37 5.66
N ASN C 195 -24.84 8.09 6.00
CA ASN C 195 -23.53 7.87 5.42
C ASN C 195 -23.00 6.55 6.02
N LEU C 196 -23.32 6.33 7.28
CA LEU C 196 -22.91 5.13 7.99
C LEU C 196 -23.58 3.91 7.36
N ALA C 197 -24.84 4.07 6.95
CA ALA C 197 -25.58 2.98 6.34
C ALA C 197 -24.94 2.62 5.01
N ARG C 198 -24.48 3.63 4.30
CA ARG C 198 -23.85 3.39 3.03
C ARG C 198 -22.48 2.83 3.25
N TRP C 199 -21.79 3.35 4.27
CA TRP C 199 -20.43 2.88 4.60
C TRP C 199 -20.36 1.37 4.86
N PHE C 200 -21.36 0.85 5.56
CA PHE C 200 -21.42 -0.57 5.88
C PHE C 200 -21.59 -1.40 4.63
N ASP C 201 -22.41 -0.93 3.72
CA ASP C 201 -22.60 -1.67 2.51
C ASP C 201 -21.27 -1.71 1.75
N ALA C 202 -20.44 -0.72 1.99
CA ALA C 202 -19.15 -0.61 1.34
C ALA C 202 -18.14 -1.65 1.78
N TRP C 203 -17.78 -1.65 3.07
CA TRP C 203 -16.78 -2.60 3.53
C TRP C 203 -17.31 -4.00 3.76
N VAL C 204 -18.49 -4.11 4.34
CA VAL C 204 -19.09 -5.42 4.58
C VAL C 204 -19.05 -6.26 3.31
N THR C 205 -19.35 -5.63 2.17
CA THR C 205 -19.34 -6.36 0.91
C THR C 205 -17.91 -6.66 0.47
N GLN C 206 -16.99 -5.75 0.80
CA GLN C 206 -15.61 -5.93 0.44
C GLN C 206 -14.97 -7.07 1.24
N TYR C 207 -15.18 -7.06 2.56
CA TYR C 207 -14.62 -8.11 3.40
C TYR C 207 -15.02 -9.50 2.93
N ALA C 208 -16.24 -9.60 2.39
CA ALA C 208 -16.77 -10.85 1.87
C ALA C 208 -15.79 -11.45 0.87
N GLU C 209 -15.07 -10.56 0.18
CA GLU C 209 -14.09 -10.98 -0.80
C GLU C 209 -12.77 -11.20 -0.07
N ILE C 210 -12.41 -10.27 0.79
CA ILE C 210 -11.16 -10.39 1.51
C ILE C 210 -11.06 -11.74 2.19
N HIS C 211 -12.18 -12.18 2.74
CA HIS C 211 -12.24 -13.44 3.45
C HIS C 211 -12.18 -14.62 2.51
N GLU C 212 -13.05 -14.62 1.51
CA GLU C 212 -13.09 -15.71 0.57
C GLU C 212 -11.74 -15.92 -0.12
N GLY C 213 -11.26 -14.89 -0.79
CA GLY C 213 -10.00 -14.99 -1.51
C GLY C 213 -8.80 -15.35 -0.67
N ASN C 214 -8.72 -14.77 0.52
CA ASN C 214 -7.61 -15.01 1.44
C ASN C 214 -7.61 -16.40 2.00
N ALA C 216 -8.88 -19.17 0.62
CA ALA C 216 -8.46 -20.13 -0.39
C ALA C 216 -6.98 -19.96 -0.78
N GLU C 217 -6.43 -18.76 -0.63
CA GLU C 217 -5.04 -18.54 -1.01
C GLU C 217 -4.08 -19.13 0.01
N TRP C 218 -4.60 -19.45 1.19
CA TRP C 218 -3.79 -20.03 2.25
C TRP C 218 -3.69 -21.53 2.04
N LYS C 219 -4.82 -22.15 1.74
CA LYS C 219 -4.88 -23.58 1.50
C LYS C 219 -3.85 -24.07 0.48
N LYS C 220 -3.49 -23.19 -0.45
CA LYS C 220 -2.55 -23.50 -1.50
C LYS C 220 -1.12 -23.82 -1.06
N TYR C 221 -0.76 -23.47 0.17
CA TYR C 221 0.60 -23.77 0.66
C TYR C 221 0.66 -24.15 2.14
N SER C 222 -0.47 -24.49 2.73
CA SER C 222 -0.49 -24.86 4.13
C SER C 222 -1.74 -25.63 4.51
N ALA C 223 -1.59 -26.94 4.70
CA ALA C 223 -2.71 -27.79 5.07
C ALA C 223 -3.12 -27.42 6.49
N ASP C 224 -2.16 -26.90 7.25
CA ASP C 224 -2.41 -26.50 8.64
C ASP C 224 -3.04 -25.10 8.66
N VAL C 225 -4.31 -25.04 8.30
CA VAL C 225 -5.06 -23.79 8.27
C VAL C 225 -6.45 -24.00 8.90
N GLU C 226 -6.94 -25.23 8.81
CA GLU C 226 -8.24 -25.59 9.36
C GLU C 226 -8.34 -25.20 10.82
N ALA C 227 -7.27 -25.41 11.56
CA ALA C 227 -7.25 -25.07 12.97
C ALA C 227 -6.44 -23.83 13.21
N LYS C 228 -5.61 -23.48 12.24
CA LYS C 228 -4.78 -22.29 12.38
C LYS C 228 -5.66 -21.05 12.33
N THR C 229 -6.88 -21.26 11.84
CA THR C 229 -7.90 -20.23 11.70
C THR C 229 -8.82 -20.14 12.91
N ARG C 230 -8.85 -21.19 13.71
CA ARG C 230 -9.72 -21.21 14.88
C ARG C 230 -9.44 -20.06 15.85
N PRO C 231 -8.16 -19.73 16.10
CA PRO C 231 -7.86 -18.63 17.02
C PRO C 231 -8.52 -17.30 16.65
N LEU C 232 -9.00 -17.19 15.42
CA LEU C 232 -9.66 -15.98 14.93
C LEU C 232 -11.15 -16.31 14.90
N ARG C 233 -11.97 -15.68 15.74
CA ARG C 233 -13.39 -16.00 15.73
C ARG C 233 -14.02 -15.61 14.40
N LEU C 234 -13.68 -16.35 13.35
CA LEU C 234 -14.21 -16.05 12.04
C LEU C 234 -15.69 -16.32 11.94
N GLY C 235 -16.47 -15.26 11.77
CA GLY C 235 -17.90 -15.42 11.65
C GLY C 235 -18.65 -15.26 12.96
N GLY C 236 -17.95 -14.82 14.00
CA GLY C 236 -18.64 -14.66 15.26
C GLY C 236 -18.71 -15.99 15.98
N PHE C 237 -19.77 -16.20 16.75
CA PHE C 237 -19.92 -17.43 17.50
C PHE C 237 -20.62 -18.56 16.75
N ASP C 238 -20.76 -18.43 15.44
CA ASP C 238 -21.42 -19.46 14.63
C ASP C 238 -21.07 -19.40 13.15
N GLY C 239 -20.64 -18.22 12.69
CA GLY C 239 -20.26 -18.04 11.29
C GLY C 239 -21.13 -17.04 10.54
N GLU C 240 -22.39 -16.92 10.97
CA GLU C 240 -23.35 -16.02 10.33
C GLU C 240 -22.77 -14.63 10.07
N GLY C 241 -21.81 -14.22 10.89
CA GLY C 241 -21.19 -12.92 10.71
C GLY C 241 -21.79 -11.89 11.64
N LEU C 242 -21.37 -10.64 11.45
CA LEU C 242 -21.84 -9.53 12.26
C LEU C 242 -23.35 -9.33 12.16
N ARG C 243 -24.01 -9.26 13.31
CA ARG C 243 -25.45 -9.08 13.37
C ARG C 243 -25.85 -7.69 13.90
N TYR C 244 -26.72 -7.00 13.17
CA TYR C 244 -27.17 -5.67 13.57
C TYR C 244 -28.35 -5.76 14.51
N LEU C 245 -28.27 -5.11 15.67
CA LEU C 245 -29.35 -5.14 16.64
C LEU C 245 -30.36 -4.03 16.44
N GLY C 246 -29.87 -2.84 16.09
CA GLY C 246 -30.77 -1.72 15.91
C GLY C 246 -30.18 -0.39 16.31
N TYR C 247 -31.04 0.60 16.53
CA TYR C 247 -30.58 1.93 16.89
C TYR C 247 -31.25 2.53 18.12
N THR C 248 -30.65 3.58 18.65
CA THR C 248 -31.18 4.24 19.82
C THR C 248 -31.09 5.73 19.55
N THR C 249 -31.92 6.52 20.21
CA THR C 249 -31.91 7.96 19.98
C THR C 249 -31.42 8.72 21.21
N LEU C 250 -30.81 9.87 20.98
CA LEU C 250 -30.30 10.70 22.07
C LEU C 250 -30.95 12.07 22.07
N GLU C 251 -30.62 12.86 23.08
CA GLU C 251 -31.15 14.21 23.26
C GLU C 251 -30.09 15.26 22.87
N TYR C 252 -28.96 14.81 22.33
CA TYR C 252 -27.88 15.70 21.90
C TYR C 252 -27.57 16.69 23.01
N VAL C 253 -27.21 17.93 22.64
CA VAL C 253 -26.88 18.97 23.62
C VAL C 253 -28.09 19.83 24.02
N GLN C 262 -31.15 25.62 24.27
CA GLN C 262 -31.94 24.41 24.55
C GLN C 262 -31.29 23.17 23.93
N LEU C 263 -32.03 22.06 23.93
CA LEU C 263 -31.54 20.79 23.38
C LEU C 263 -31.99 20.60 21.93
N VAL C 264 -31.11 20.04 21.11
CA VAL C 264 -31.41 19.82 19.70
C VAL C 264 -32.10 18.48 19.46
N GLY C 265 -33.08 18.46 18.56
CA GLY C 265 -33.80 17.24 18.26
C GLY C 265 -34.79 17.45 17.13
N ALA C 266 -35.07 16.39 16.39
CA ALA C 266 -36.01 16.48 15.29
C ALA C 266 -36.52 15.09 14.91
N PHE C 267 -36.40 14.15 15.84
CA PHE C 267 -36.85 12.79 15.59
C PHE C 267 -38.25 12.86 15.03
N GLU C 268 -39.00 13.86 15.46
CA GLU C 268 -40.38 14.06 15.00
C GLU C 268 -40.41 14.20 13.47
N ARG C 269 -39.46 14.96 12.90
CA ARG C 269 -39.44 15.15 11.45
C ARG C 269 -38.37 14.37 10.72
N PHE C 270 -37.85 13.33 11.36
CA PHE C 270 -36.84 12.48 10.76
C PHE C 270 -37.08 11.01 11.10
N ARG C 271 -38.04 10.74 12.00
CA ARG C 271 -38.35 9.37 12.41
C ARG C 271 -38.38 8.37 11.27
N GLY C 272 -39.24 8.63 10.29
CA GLY C 272 -39.36 7.73 9.17
C GLY C 272 -38.05 7.55 8.42
N ARG C 273 -37.43 8.66 8.06
CA ARG C 273 -36.17 8.61 7.33
C ARG C 273 -35.11 7.84 8.13
N PHE C 274 -35.20 7.86 9.46
CA PHE C 274 -34.24 7.13 10.29
C PHE C 274 -34.44 5.63 10.13
N ALA C 275 -35.55 5.10 10.61
CA ALA C 275 -35.78 3.66 10.50
C ALA C 275 -35.65 3.20 9.04
N ALA C 276 -35.90 4.08 8.08
CA ALA C 276 -35.79 3.72 6.67
C ALA C 276 -34.35 3.38 6.34
N GLU C 277 -33.42 4.10 6.95
CA GLU C 277 -31.99 3.90 6.72
C GLU C 277 -31.47 2.78 7.60
N ALA C 278 -32.11 2.62 8.77
CA ALA C 278 -31.77 1.59 9.74
C ALA C 278 -32.05 0.21 9.13
N GLU C 279 -32.98 0.18 8.18
CA GLU C 279 -33.33 -1.04 7.50
C GLU C 279 -32.29 -1.26 6.41
N ARG C 280 -31.86 -0.18 5.77
CA ARG C 280 -30.84 -0.34 4.73
C ARG C 280 -29.60 -0.98 5.32
N ILE C 281 -29.34 -0.74 6.59
CA ILE C 281 -28.20 -1.33 7.27
C ILE C 281 -28.45 -2.81 7.51
N SER C 282 -29.61 -3.11 8.08
CA SER C 282 -30.00 -4.47 8.38
C SER C 282 -29.87 -5.39 7.17
N ASN C 283 -30.05 -4.84 5.98
CA ASN C 283 -29.95 -5.66 4.77
C ASN C 283 -28.52 -5.93 4.35
N SER C 284 -27.60 -5.06 4.77
CA SER C 284 -26.21 -5.21 4.41
C SER C 284 -25.49 -6.22 5.30
N LEU C 285 -25.96 -6.35 6.54
CA LEU C 285 -25.40 -7.28 7.51
C LEU C 285 -26.09 -8.63 7.47
N SER C 286 -25.70 -9.53 8.38
CA SER C 286 -26.26 -10.90 8.46
C SER C 286 -27.78 -11.00 8.30
N LYS C 287 -28.25 -12.25 8.18
CA LYS C 287 -29.68 -12.56 8.02
C LYS C 287 -30.38 -12.47 9.35
N HIS C 288 -29.65 -12.79 10.41
CA HIS C 288 -30.22 -12.73 11.75
C HIS C 288 -30.23 -11.29 12.18
N SER C 289 -29.66 -10.43 11.33
CA SER C 289 -29.62 -9.01 11.59
C SER C 289 -31.02 -8.48 11.61
N ASN C 290 -31.39 -7.92 12.73
CA ASN C 290 -32.71 -7.35 12.93
C ASN C 290 -32.64 -5.83 12.99
N SER C 291 -33.69 -5.09 12.64
CA SER C 291 -33.46 -3.62 12.65
C SER C 291 -34.39 -2.76 13.48
N THR C 292 -34.77 -3.29 14.62
CA THR C 292 -35.67 -2.62 15.54
C THR C 292 -35.10 -1.31 16.06
N LEU C 293 -35.86 -0.67 16.93
CA LEU C 293 -35.47 0.58 17.58
C LEU C 293 -35.43 0.27 19.09
N LEU C 294 -34.24 -0.04 19.60
CA LEU C 294 -34.04 -0.37 21.00
C LEU C 294 -34.59 0.62 22.04
N GLY C 295 -34.68 1.90 21.68
CA GLY C 295 -35.21 2.86 22.63
C GLY C 295 -34.64 4.25 22.50
N HIS C 296 -35.17 5.17 23.30
CA HIS C 296 -34.75 6.57 23.30
C HIS C 296 -34.12 6.86 24.65
N VAL C 297 -32.94 7.46 24.64
CA VAL C 297 -32.25 7.80 25.88
C VAL C 297 -32.18 9.29 26.02
N PRO C 298 -32.93 9.83 26.97
CA PRO C 298 -32.96 11.28 27.21
C PRO C 298 -31.90 11.78 28.19
N HIS C 299 -31.71 13.10 28.21
CA HIS C 299 -30.74 13.74 29.09
C HIS C 299 -30.71 15.25 28.82
N ALA C 333 -33.92 10.90 38.23
CA ALA C 333 -34.07 9.45 38.27
C ALA C 333 -34.77 8.89 37.02
N TYR C 334 -34.05 8.88 35.90
CA TYR C 334 -34.57 8.39 34.61
C TYR C 334 -33.96 7.04 34.23
N ALA C 335 -33.20 6.46 35.16
CA ALA C 335 -32.53 5.17 34.94
C ALA C 335 -33.45 4.16 34.28
N GLU C 336 -34.74 4.28 34.57
CA GLU C 336 -35.74 3.38 34.02
C GLU C 336 -35.76 3.46 32.48
N LYS C 337 -35.61 4.67 31.95
CA LYS C 337 -35.61 4.86 30.51
C LYS C 337 -34.34 4.27 29.89
N ILE C 338 -33.20 4.48 30.55
CA ILE C 338 -31.93 3.97 30.05
C ILE C 338 -31.77 2.47 30.29
N ASN C 339 -32.39 1.98 31.35
CA ASN C 339 -32.32 0.55 31.66
C ASN C 339 -33.21 -0.25 30.69
N SER C 340 -34.26 0.42 30.21
CA SER C 340 -35.16 -0.23 29.26
C SER C 340 -34.36 -0.63 28.04
N VAL C 341 -33.60 0.32 27.49
CA VAL C 341 -32.79 0.06 26.32
C VAL C 341 -31.83 -1.09 26.57
N ALA C 342 -31.17 -1.02 27.73
CA ALA C 342 -30.23 -2.05 28.13
C ALA C 342 -30.93 -3.40 28.12
N ALA C 343 -32.10 -3.45 28.77
CA ALA C 343 -32.86 -4.69 28.84
C ALA C 343 -33.07 -5.26 27.44
N ASN C 344 -33.55 -4.41 26.53
CA ASN C 344 -33.79 -4.81 25.13
C ASN C 344 -32.56 -5.43 24.49
N VAL C 345 -31.42 -4.77 24.64
CA VAL C 345 -30.17 -5.24 24.08
C VAL C 345 -29.84 -6.62 24.65
N TYR C 346 -30.09 -6.80 25.94
CA TYR C 346 -29.81 -8.08 26.57
C TYR C 346 -30.63 -9.18 25.90
N LYS C 347 -31.95 -8.98 25.87
CA LYS C 347 -32.84 -9.98 25.28
C LYS C 347 -32.45 -10.36 23.86
N ALA C 348 -31.75 -9.47 23.18
CA ALA C 348 -31.30 -9.72 21.83
C ALA C 348 -30.14 -10.73 21.88
N LEU C 349 -29.02 -10.34 22.50
CA LEU C 349 -27.85 -11.21 22.62
C LEU C 349 -28.14 -12.54 23.31
N PHE C 350 -29.09 -12.50 24.23
CA PHE C 350 -29.47 -13.68 24.98
C PHE C 350 -30.98 -13.91 24.92
N PRO C 351 -31.44 -14.65 23.91
CA PRO C 351 -32.87 -14.92 23.77
C PRO C 351 -33.35 -16.01 24.74
N ASN C 352 -32.45 -16.89 25.15
CA ASN C 352 -32.79 -18.00 26.07
C ASN C 352 -32.85 -17.57 27.53
N GLU C 353 -33.30 -16.34 27.79
CA GLU C 353 -33.41 -15.80 29.14
C GLU C 353 -34.80 -15.20 29.37
N ARG D 2 31.02 -15.53 3.79
CA ARG D 2 30.81 -14.58 2.72
C ARG D 2 29.69 -15.04 1.80
N THR D 3 28.86 -14.10 1.37
CA THR D 3 27.77 -14.39 0.46
C THR D 3 27.97 -13.52 -0.80
N ILE D 4 28.11 -14.17 -1.94
CA ILE D 4 28.33 -13.46 -3.20
C ILE D 4 27.15 -13.69 -4.14
N SER D 5 27.08 -12.91 -5.21
CA SER D 5 26.01 -13.03 -6.18
C SER D 5 26.33 -12.37 -7.52
N PHE D 6 25.88 -12.98 -8.61
CA PHE D 6 26.10 -12.42 -9.92
C PHE D 6 24.78 -11.84 -10.38
N PHE D 7 24.78 -10.53 -10.58
CA PHE D 7 23.58 -9.84 -10.96
C PHE D 7 23.69 -9.16 -12.31
N ASN D 8 22.56 -9.06 -12.98
CA ASN D 8 22.51 -8.45 -14.28
C ASN D 8 21.07 -8.23 -14.66
N ASN D 9 20.75 -7.06 -15.23
CA ASN D 9 19.37 -6.78 -15.62
C ASN D 9 19.08 -7.16 -17.07
N LYS D 10 19.94 -7.97 -17.67
CA LYS D 10 19.75 -8.38 -19.05
C LYS D 10 19.59 -9.89 -19.10
N GLY D 11 19.85 -10.53 -17.96
CA GLY D 11 19.71 -11.97 -17.87
C GLY D 11 20.23 -12.75 -19.06
N GLY D 12 20.11 -14.07 -18.96
CA GLY D 12 20.57 -14.94 -20.02
C GLY D 12 21.42 -16.07 -19.45
N VAL D 13 21.76 -17.05 -20.30
CA VAL D 13 22.57 -18.19 -19.89
C VAL D 13 23.98 -17.73 -19.55
N GLY D 14 24.45 -16.68 -20.23
CA GLY D 14 25.78 -16.16 -19.99
C GLY D 14 26.04 -15.81 -18.54
N LYS D 15 24.97 -15.43 -17.83
CA LYS D 15 25.06 -15.06 -16.43
C LYS D 15 25.07 -16.29 -15.53
N THR D 16 24.07 -17.15 -15.73
CA THR D 16 23.94 -18.36 -14.93
C THR D 16 25.10 -19.35 -15.09
N THR D 17 25.74 -19.32 -16.25
CA THR D 17 26.88 -20.19 -16.52
C THR D 17 28.05 -19.77 -15.65
N LEU D 18 28.38 -18.49 -15.70
CA LEU D 18 29.50 -17.95 -14.93
C LEU D 18 29.32 -18.26 -13.44
N SER D 19 28.10 -18.05 -12.93
CA SER D 19 27.79 -18.30 -11.53
C SER D 19 28.14 -19.72 -11.10
N THR D 20 27.49 -20.70 -11.71
CA THR D 20 27.72 -22.11 -11.37
C THR D 20 29.20 -22.50 -11.50
N ASN D 21 29.88 -22.00 -12.51
CA ASN D 21 31.29 -22.30 -12.72
C ASN D 21 32.13 -21.79 -11.57
N VAL D 22 32.01 -20.50 -11.28
CA VAL D 22 32.76 -19.92 -10.19
C VAL D 22 32.43 -20.66 -8.90
N ALA D 23 31.16 -20.97 -8.69
CA ALA D 23 30.74 -21.68 -7.49
C ALA D 23 31.50 -23.01 -7.43
N HIS D 24 31.67 -23.64 -8.60
CA HIS D 24 32.38 -24.92 -8.72
C HIS D 24 33.83 -24.73 -8.32
N TYR D 25 34.43 -23.68 -8.85
CA TYR D 25 35.82 -23.37 -8.56
C TYR D 25 35.96 -23.14 -7.06
N PHE D 26 35.09 -22.34 -6.48
CA PHE D 26 35.15 -22.10 -5.05
C PHE D 26 35.12 -23.41 -4.26
N ALA D 27 34.43 -24.39 -4.83
CA ALA D 27 34.28 -25.68 -4.18
C ALA D 27 35.61 -26.40 -4.05
N LEU D 28 36.16 -26.76 -5.21
CA LEU D 28 37.42 -27.47 -5.23
C LEU D 28 38.54 -26.75 -4.49
N GLN D 29 38.43 -25.43 -4.36
CA GLN D 29 39.41 -24.67 -3.62
C GLN D 29 39.22 -25.00 -2.15
N GLY D 30 38.49 -26.07 -1.86
CA GLY D 30 38.27 -26.46 -0.48
C GLY D 30 37.39 -25.53 0.32
N LYS D 31 36.16 -25.37 -0.14
CA LYS D 31 35.24 -24.50 0.54
C LYS D 31 33.82 -25.02 0.37
N ARG D 32 33.14 -25.22 1.48
CA ARG D 32 31.77 -25.71 1.47
C ARG D 32 30.86 -24.62 0.93
N VAL D 33 30.34 -24.81 -0.27
CA VAL D 33 29.47 -23.82 -0.86
C VAL D 33 28.02 -24.28 -0.95
N LEU D 34 27.11 -23.31 -0.76
CA LEU D 34 25.65 -23.52 -0.87
C LEU D 34 25.17 -22.61 -2.00
N TYR D 35 24.47 -23.19 -2.97
CA TYR D 35 23.95 -22.42 -4.11
C TYR D 35 22.43 -22.29 -3.98
N VAL D 36 21.94 -21.07 -3.88
CA VAL D 36 20.51 -20.87 -3.74
C VAL D 36 19.88 -20.34 -5.02
N ASP D 37 18.87 -21.04 -5.54
CA ASP D 37 18.22 -20.61 -6.77
C ASP D 37 17.01 -19.73 -6.45
N CYS D 38 17.12 -18.44 -6.75
CA CYS D 38 16.03 -17.51 -6.50
C CYS D 38 15.42 -17.03 -7.79
N ASP D 39 15.58 -17.80 -8.86
CA ASP D 39 14.96 -17.40 -10.10
C ASP D 39 13.82 -18.38 -10.37
N PRO D 40 12.64 -17.87 -10.76
CA PRO D 40 11.50 -18.75 -11.04
C PRO D 40 11.76 -19.71 -12.20
N GLN D 41 12.72 -19.33 -13.05
CA GLN D 41 13.11 -20.11 -14.20
C GLN D 41 13.85 -21.35 -13.74
N CYS D 42 14.51 -21.24 -12.60
CA CYS D 42 15.22 -22.39 -12.06
C CYS D 42 16.29 -22.85 -13.00
N ASN D 43 16.84 -21.95 -13.79
CA ASN D 43 17.88 -22.33 -14.74
C ASN D 43 19.06 -22.94 -14.01
N ALA D 44 19.34 -22.41 -12.83
CA ALA D 44 20.44 -22.88 -12.03
C ALA D 44 20.17 -24.29 -11.55
N THR D 45 18.92 -24.55 -11.16
CA THR D 45 18.58 -25.87 -10.66
C THR D 45 18.71 -26.97 -11.69
N GLN D 46 18.04 -26.81 -12.83
CA GLN D 46 18.08 -27.82 -13.89
C GLN D 46 19.35 -27.77 -14.70
N LEU D 47 20.47 -27.47 -14.04
CA LEU D 47 21.74 -27.42 -14.74
C LEU D 47 22.79 -28.03 -13.84
N LEU D 49 21.57 -30.16 -11.22
CA LEU D 49 20.94 -31.38 -10.74
C LEU D 49 20.61 -32.30 -11.91
N THR D 50 20.58 -33.61 -11.64
CA THR D 50 20.24 -34.58 -12.67
C THR D 50 18.74 -34.79 -12.74
N GLU D 51 18.23 -35.24 -13.88
CA GLU D 51 16.79 -35.45 -14.03
C GLU D 51 16.26 -36.34 -12.92
N GLU D 52 17.09 -37.28 -12.48
CA GLU D 52 16.69 -38.18 -11.41
C GLU D 52 16.31 -37.30 -10.21
N GLN D 53 17.15 -36.31 -9.91
CA GLN D 53 16.92 -35.40 -8.79
C GLN D 53 15.77 -34.44 -9.11
N THR D 54 15.75 -33.92 -10.33
CA THR D 54 14.72 -33.00 -10.75
C THR D 54 13.34 -33.64 -10.68
N GLU D 55 13.15 -34.72 -11.43
CA GLU D 55 11.88 -35.44 -11.46
C GLU D 55 11.36 -35.80 -10.08
N SER D 56 12.27 -36.05 -9.14
CA SER D 56 11.92 -36.41 -7.77
C SER D 56 11.53 -35.20 -6.91
N ILE D 57 11.69 -34.01 -7.46
CA ILE D 57 11.34 -32.78 -6.74
C ILE D 57 9.92 -32.34 -7.14
N TYR D 58 9.70 -32.18 -8.45
CA TYR D 58 8.42 -31.74 -9.01
C TYR D 58 7.54 -32.87 -9.55
N LEU D 59 7.66 -34.05 -8.94
CA LEU D 59 6.89 -35.25 -9.30
C LEU D 59 5.42 -34.95 -9.54
N ASP D 64 -1.56 -34.26 -6.49
CA ASP D 64 -1.89 -33.16 -7.39
C ASP D 64 -2.20 -31.86 -6.65
N GLU D 65 -3.34 -31.80 -5.98
CA GLU D 65 -3.76 -30.62 -5.22
C GLU D 65 -2.93 -30.45 -3.95
N VAL D 66 -2.63 -31.59 -3.30
CA VAL D 66 -1.84 -31.58 -2.08
C VAL D 66 -0.41 -32.04 -2.35
N ALA D 67 -0.15 -32.54 -3.57
CA ALA D 67 1.19 -32.98 -3.93
C ALA D 67 2.06 -31.77 -4.25
N GLU D 68 1.41 -30.66 -4.62
CA GLU D 68 2.06 -29.40 -4.96
C GLU D 68 2.65 -28.75 -3.71
N ARG D 69 1.92 -28.85 -2.61
CA ARG D 69 2.36 -28.27 -1.35
C ARG D 69 3.59 -29.05 -0.86
N ASN D 70 3.75 -30.26 -1.38
CA ASN D 70 4.87 -31.10 -1.01
C ASN D 70 6.12 -30.63 -1.71
N SER D 71 5.97 -30.28 -2.99
CA SER D 71 7.09 -29.82 -3.79
C SER D 71 7.68 -28.54 -3.22
N LEU D 72 6.81 -27.71 -2.66
CA LEU D 72 7.24 -26.46 -2.07
C LEU D 72 8.18 -26.68 -0.89
N ALA D 73 7.98 -27.74 -0.12
CA ALA D 73 8.84 -28.00 1.04
C ALA D 73 10.19 -28.57 0.62
N LYS D 74 10.31 -28.93 -0.65
CA LYS D 74 11.54 -29.49 -1.18
C LYS D 74 12.44 -28.48 -1.87
N THR D 75 11.91 -27.29 -2.13
CA THR D 75 12.66 -26.24 -2.80
C THR D 75 12.98 -25.05 -1.90
N VAL D 76 13.59 -24.03 -2.49
CA VAL D 76 13.96 -22.84 -1.75
C VAL D 76 12.73 -22.16 -1.17
N TYR D 77 11.58 -22.39 -1.81
CA TYR D 77 10.31 -21.83 -1.38
C TYR D 77 9.98 -22.20 0.07
N ALA D 78 10.61 -23.25 0.58
CA ALA D 78 10.39 -23.72 1.93
C ALA D 78 10.69 -22.70 3.00
N ILE D 79 11.78 -21.95 2.83
CA ILE D 79 12.17 -20.96 3.85
C ILE D 79 11.26 -19.77 3.98
N PHE D 80 10.33 -19.64 3.03
CA PHE D 80 9.40 -18.51 3.03
C PHE D 80 8.04 -18.84 3.62
N VAL D 81 7.63 -20.10 3.57
CA VAL D 81 6.33 -20.51 4.08
C VAL D 81 5.88 -19.77 5.34
N PRO D 82 6.71 -19.74 6.37
CA PRO D 82 6.36 -19.05 7.61
C PRO D 82 6.17 -17.54 7.44
N LEU D 83 7.01 -16.91 6.63
CA LEU D 83 6.92 -15.46 6.41
C LEU D 83 5.56 -15.09 5.83
N ARG D 84 5.07 -15.92 4.91
CA ARG D 84 3.78 -15.66 4.32
C ARG D 84 2.67 -15.73 5.36
N GLU D 85 2.78 -16.67 6.30
CA GLU D 85 1.74 -16.80 7.32
C GLU D 85 1.78 -15.65 8.32
N GLY D 86 2.67 -14.70 8.09
CA GLY D 86 2.76 -13.54 8.96
C GLY D 86 3.84 -13.60 10.01
N GLU D 87 4.98 -14.18 9.65
CA GLU D 87 6.10 -14.30 10.58
C GLU D 87 7.25 -13.37 10.18
N SER D 88 8.39 -13.53 10.84
CA SER D 88 9.57 -12.73 10.55
C SER D 88 10.83 -13.59 10.64
N GLN D 89 10.64 -14.88 10.88
CA GLN D 89 11.72 -15.86 11.00
C GLN D 89 11.62 -16.86 9.86
N ILE D 90 12.62 -16.89 8.98
CA ILE D 90 12.59 -17.83 7.87
C ILE D 90 12.47 -19.27 8.41
N ALA D 91 12.07 -20.21 7.56
CA ALA D 91 11.94 -21.58 8.01
C ALA D 91 13.32 -22.13 8.38
N ALA D 92 13.43 -22.68 9.59
CA ALA D 92 14.69 -23.25 10.09
C ALA D 92 15.13 -24.49 9.33
N GLU D 93 14.23 -25.46 9.25
CA GLU D 93 14.46 -26.73 8.56
C GLU D 93 14.80 -26.53 7.08
N ILE D 94 16.06 -26.25 6.80
CA ILE D 94 16.49 -26.05 5.43
C ILE D 94 17.09 -27.35 4.88
N THR D 95 16.39 -27.96 3.95
CA THR D 95 16.85 -29.21 3.37
C THR D 95 17.48 -29.04 2.00
N PRO D 96 18.81 -28.87 1.94
CA PRO D 96 19.50 -28.68 0.66
C PRO D 96 19.60 -29.96 -0.16
N ARG D 98 22.05 -31.72 -3.46
CA ARG D 98 23.45 -32.09 -3.51
C ARG D 98 23.94 -32.43 -4.90
N SER D 99 24.40 -31.40 -5.60
CA SER D 99 24.93 -31.57 -6.94
C SER D 99 26.09 -32.53 -6.88
N GLU D 100 26.56 -32.94 -8.04
CA GLU D 100 27.69 -33.83 -8.08
C GLU D 100 28.70 -33.33 -9.10
N ARG D 101 28.21 -32.90 -10.25
CA ARG D 101 29.11 -32.40 -11.28
C ARG D 101 29.72 -31.06 -10.86
N PHE D 102 29.21 -30.48 -9.79
CA PHE D 102 29.70 -29.18 -9.32
C PHE D 102 30.23 -29.27 -7.89
N GLY D 103 29.92 -30.38 -7.24
CA GLY D 103 30.37 -30.61 -5.87
C GLY D 103 29.96 -29.52 -4.92
N VAL D 104 28.68 -29.20 -4.92
CA VAL D 104 28.19 -28.14 -4.07
C VAL D 104 26.69 -28.30 -3.83
N ASP D 105 26.28 -28.26 -2.57
CA ASP D 105 24.88 -28.36 -2.25
C ASP D 105 24.14 -27.23 -2.99
N VAL D 106 22.87 -27.48 -3.36
CA VAL D 106 22.05 -26.51 -4.08
C VAL D 106 20.60 -26.50 -3.63
N LEU D 107 20.10 -25.34 -3.20
CA LEU D 107 18.70 -25.17 -2.78
C LEU D 107 17.86 -25.01 -4.04
N PRO D 108 17.19 -26.07 -4.47
CA PRO D 108 16.37 -25.99 -5.69
C PRO D 108 15.35 -24.84 -5.77
N GLY D 109 15.26 -24.22 -6.95
CA GLY D 109 14.31 -23.13 -7.14
C GLY D 109 12.92 -23.67 -7.40
N HIS D 110 11.94 -22.80 -7.54
CA HIS D 110 10.55 -23.22 -7.79
C HIS D 110 9.82 -22.08 -8.48
N PRO D 111 9.12 -22.38 -9.59
CA PRO D 111 8.40 -21.35 -10.34
C PRO D 111 7.35 -20.63 -9.48
N ALA D 112 7.02 -21.21 -8.33
CA ALA D 112 6.04 -20.61 -7.43
C ALA D 112 6.66 -19.46 -6.65
N LEU D 113 7.93 -19.19 -6.90
CA LEU D 113 8.58 -18.10 -6.20
C LEU D 113 7.97 -16.78 -6.65
N SER D 114 7.21 -16.81 -7.73
CA SER D 114 6.56 -15.59 -8.21
C SER D 114 5.69 -15.03 -7.10
N GLN D 115 5.02 -15.90 -6.35
CA GLN D 115 4.17 -15.45 -5.25
C GLN D 115 4.97 -14.70 -4.20
N ILE D 116 6.18 -15.20 -3.93
CA ILE D 116 7.05 -14.57 -2.96
C ILE D 116 7.40 -13.17 -3.44
N GLU D 117 7.63 -13.05 -4.75
CA GLU D 117 7.95 -11.76 -5.32
C GLU D 117 6.89 -10.74 -4.99
N ASP D 118 5.66 -11.19 -4.79
CA ASP D 118 4.57 -10.28 -4.43
C ASP D 118 4.61 -9.97 -2.94
N LEU D 119 5.11 -10.93 -2.15
CA LEU D 119 5.20 -10.78 -0.70
C LEU D 119 6.36 -9.86 -0.31
N SER D 121 7.56 -7.54 -2.51
CA SER D 121 7.23 -6.25 -3.11
C SER D 121 6.34 -5.50 -2.13
N ASP D 122 5.46 -6.24 -1.47
CA ASP D 122 4.54 -5.67 -0.52
C ASP D 122 5.26 -5.36 0.78
N SER D 123 6.12 -6.26 1.22
CA SER D 123 6.84 -6.05 2.47
C SER D 123 7.77 -4.86 2.37
N TRP D 124 8.37 -4.66 1.21
CA TRP D 124 9.27 -3.54 1.04
C TRP D 124 8.52 -2.22 1.14
N GLN D 125 7.26 -2.21 0.70
CA GLN D 125 6.45 -1.00 0.75
C GLN D 125 6.17 -0.68 2.21
N SER D 126 5.69 -1.68 2.94
CA SER D 126 5.39 -1.52 4.35
C SER D 126 6.68 -1.21 5.10
N ALA D 127 7.82 -1.54 4.51
CA ALA D 127 9.09 -1.28 5.18
C ALA D 127 9.36 0.21 5.27
N LEU D 128 8.98 0.95 4.24
CA LEU D 128 9.17 2.40 4.18
C LEU D 128 8.36 3.08 5.27
N GLY D 129 7.24 2.45 5.63
CA GLY D 129 6.38 3.00 6.66
C GLY D 129 6.88 2.70 8.06
N ARG D 130 8.18 2.50 8.20
CA ARG D 130 8.77 2.23 9.49
C ARG D 130 8.15 1.03 10.21
N GLN D 131 7.42 0.19 9.48
CA GLN D 131 6.79 -0.99 10.05
C GLN D 131 7.87 -2.03 10.36
N THR D 132 8.34 -2.08 11.60
CA THR D 132 9.39 -3.03 11.97
C THR D 132 9.06 -4.49 11.61
N GLY D 133 7.77 -4.78 11.42
CA GLY D 133 7.39 -6.13 11.08
C GLY D 133 8.05 -6.58 9.79
N PRO D 134 7.67 -5.96 8.66
CA PRO D 134 8.21 -6.27 7.33
C PRO D 134 9.69 -5.96 7.16
N PHE D 135 10.18 -5.01 7.95
CA PHE D 135 11.59 -4.64 7.88
C PHE D 135 12.45 -5.86 8.19
N ARG D 136 11.94 -6.71 9.07
CA ARG D 136 12.62 -7.92 9.47
C ARG D 136 12.51 -8.93 8.34
N ARG D 137 11.32 -9.07 7.77
CA ARG D 137 11.10 -10.02 6.68
C ARG D 137 11.94 -9.77 5.42
N ILE D 138 12.26 -8.52 5.10
CA ILE D 138 13.02 -8.29 3.88
C ILE D 138 14.47 -8.74 4.05
N HIS D 139 14.86 -8.98 5.28
CA HIS D 139 16.20 -9.42 5.55
C HIS D 139 16.36 -10.92 5.60
N TRP D 140 15.44 -11.63 4.96
CA TRP D 140 15.49 -13.08 4.95
C TRP D 140 16.81 -13.52 4.35
N ALA D 141 17.29 -12.76 3.38
CA ALA D 141 18.55 -13.09 2.74
C ALA D 141 19.62 -13.16 3.81
N GLY D 142 19.53 -12.28 4.79
CA GLY D 142 20.52 -12.28 5.85
C GLY D 142 20.22 -13.41 6.82
N GLN D 143 18.96 -13.53 7.22
CA GLN D 143 18.55 -14.57 8.16
C GLN D 143 19.06 -15.95 7.81
N LEU D 144 19.05 -16.27 6.52
CA LEU D 144 19.53 -17.55 6.07
C LEU D 144 21.03 -17.60 6.26
N ALA D 145 21.73 -16.65 5.65
CA ALA D 145 23.18 -16.58 5.74
C ALA D 145 23.63 -16.59 7.21
N HIS D 146 22.76 -16.22 8.14
CA HIS D 146 23.17 -16.24 9.52
C HIS D 146 22.97 -17.61 10.16
N ALA D 147 21.83 -18.24 9.89
CA ALA D 147 21.55 -19.55 10.45
C ALA D 147 22.54 -20.56 9.91
N GLU D 149 25.79 -19.91 9.22
CA GLU D 149 27.07 -19.66 9.84
C GLU D 149 26.95 -20.03 11.31
N ARG D 150 25.78 -19.74 11.88
CA ARG D 150 25.49 -20.03 13.28
C ARG D 150 25.77 -21.49 13.55
N ASP D 151 25.06 -22.34 12.82
CA ASP D 151 25.23 -23.77 12.97
C ASP D 151 26.33 -24.29 12.05
N ASP D 152 27.22 -23.38 11.64
CA ASP D 152 28.35 -23.71 10.76
C ASP D 152 28.16 -24.89 9.79
N ARG D 153 27.52 -24.62 8.66
CA ARG D 153 27.26 -25.64 7.67
C ARG D 153 27.98 -25.36 6.36
N TYR D 154 28.07 -24.09 5.99
CA TYR D 154 28.76 -23.72 4.76
C TYR D 154 29.68 -22.53 5.00
N ASP D 155 30.57 -22.32 4.04
CA ASP D 155 31.54 -21.24 4.10
C ASP D 155 31.15 -20.12 3.13
N VAL D 156 30.52 -20.50 2.03
CA VAL D 156 30.08 -19.52 1.02
C VAL D 156 28.67 -19.85 0.54
N ILE D 157 27.88 -18.82 0.25
CA ILE D 157 26.53 -19.01 -0.22
C ILE D 157 26.26 -18.15 -1.44
N PHE D 158 26.12 -18.79 -2.60
CA PHE D 158 25.84 -18.07 -3.82
C PHE D 158 24.34 -17.88 -4.01
N PHE D 159 23.97 -16.76 -4.60
CA PHE D 159 22.59 -16.46 -4.86
C PHE D 159 22.44 -16.27 -6.37
N ASP D 160 21.48 -16.94 -6.98
CA ASP D 160 21.34 -16.75 -8.41
C ASP D 160 19.98 -16.11 -8.58
N VAL D 161 19.94 -14.99 -9.30
CA VAL D 161 18.68 -14.29 -9.50
C VAL D 161 18.34 -14.05 -10.95
N GLY D 162 17.12 -13.58 -11.18
CA GLY D 162 16.69 -13.30 -12.53
C GLY D 162 17.11 -11.90 -12.91
N PRO D 163 16.77 -11.45 -14.12
CA PRO D 163 17.11 -10.10 -14.62
C PRO D 163 16.24 -8.96 -14.07
N SER D 164 15.16 -9.32 -13.36
CA SER D 164 14.24 -8.34 -12.78
C SER D 164 14.91 -7.34 -11.83
N LEU D 165 14.29 -6.18 -11.64
CA LEU D 165 14.82 -5.17 -10.72
C LEU D 165 13.79 -4.90 -9.64
N GLY D 166 12.87 -5.86 -9.48
CA GLY D 166 11.80 -5.73 -8.51
C GLY D 166 12.26 -5.75 -7.06
N PRO D 167 11.33 -5.51 -6.12
CA PRO D 167 11.74 -5.52 -4.73
C PRO D 167 12.42 -6.82 -4.34
N PHE D 168 11.89 -7.95 -4.80
CA PHE D 168 12.49 -9.21 -4.46
C PHE D 168 14.00 -9.19 -4.64
N ASN D 169 14.45 -8.92 -5.86
CA ASN D 169 15.90 -8.90 -6.12
C ASN D 169 16.67 -7.97 -5.24
N ARG D 170 16.03 -6.89 -4.81
CA ARG D 170 16.69 -5.93 -3.94
C ARG D 170 17.00 -6.61 -2.62
N THR D 171 16.01 -7.28 -2.04
CA THR D 171 16.21 -7.95 -0.77
C THR D 171 17.29 -9.01 -0.86
N VAL D 172 17.48 -9.54 -2.07
CA VAL D 172 18.50 -10.55 -2.26
C VAL D 172 19.87 -9.91 -2.15
N LEU D 173 20.05 -8.77 -2.79
CA LEU D 173 21.34 -8.10 -2.69
C LEU D 173 21.62 -7.72 -1.24
N LEU D 174 20.59 -7.55 -0.43
CA LEU D 174 20.84 -7.21 0.97
C LEU D 174 21.62 -8.31 1.66
N GLY D 175 21.21 -9.54 1.49
CA GLY D 175 21.94 -10.63 2.11
C GLY D 175 23.29 -10.91 1.48
N CYS D 176 23.72 -10.08 0.54
CA CYS D 176 25.02 -10.30 -0.11
C CYS D 176 26.15 -9.45 0.46
N ASP D 177 27.33 -10.05 0.62
CA ASP D 177 28.48 -9.32 1.11
C ASP D 177 29.12 -8.67 -0.11
N ALA D 178 28.96 -9.28 -1.26
CA ALA D 178 29.55 -8.74 -2.47
C ALA D 178 28.79 -9.27 -3.66
N PHE D 179 29.09 -8.74 -4.84
CA PHE D 179 28.41 -9.21 -6.06
C PHE D 179 29.12 -8.78 -7.35
N VAL D 180 29.15 -9.67 -8.32
CA VAL D 180 29.79 -9.36 -9.59
C VAL D 180 28.71 -9.07 -10.63
N THR D 181 29.04 -8.23 -11.60
CA THR D 181 28.11 -7.81 -12.67
C THR D 181 28.55 -8.23 -14.07
N PRO D 182 28.18 -9.42 -14.53
CA PRO D 182 28.56 -9.89 -15.87
C PRO D 182 27.63 -9.28 -16.89
N THR D 183 28.19 -8.80 -17.99
CA THR D 183 27.41 -8.19 -19.05
C THR D 183 28.02 -8.44 -20.43
N ALA D 184 27.24 -8.13 -21.46
CA ALA D 184 27.62 -8.28 -22.85
C ALA D 184 28.41 -7.05 -23.22
N THR D 185 28.32 -6.62 -24.48
CA THR D 185 29.05 -5.45 -24.94
C THR D 185 28.44 -4.91 -26.21
N ASP D 186 27.27 -5.43 -26.54
CA ASP D 186 26.58 -5.01 -27.73
C ASP D 186 25.96 -3.65 -27.41
N LEU D 187 25.06 -3.17 -28.26
CA LEU D 187 24.44 -1.88 -28.00
C LEU D 187 23.40 -1.99 -26.89
N PHE D 188 22.37 -2.81 -27.09
CA PHE D 188 21.30 -2.98 -26.11
C PHE D 188 21.78 -3.41 -24.72
N SER D 189 22.88 -4.14 -24.67
CA SER D 189 23.46 -4.58 -23.42
C SER D 189 23.98 -3.36 -22.67
N PHE D 190 24.84 -2.58 -23.32
CA PHE D 190 25.41 -1.38 -22.71
C PHE D 190 24.32 -0.49 -22.16
N HIS D 191 23.42 -0.05 -23.03
CA HIS D 191 22.32 0.80 -22.62
C HIS D 191 21.65 0.23 -21.39
N ALA D 192 21.65 -1.10 -21.27
CA ALA D 192 21.02 -1.77 -20.14
C ALA D 192 21.90 -1.70 -18.89
N PHE D 193 23.20 -1.86 -19.08
CA PHE D 193 24.14 -1.80 -17.99
C PHE D 193 24.02 -0.43 -17.36
N GLY D 194 23.85 0.58 -18.22
CA GLY D 194 23.72 1.94 -17.74
C GLY D 194 22.50 2.11 -16.86
N ASN D 195 21.35 1.62 -17.33
CA ASN D 195 20.15 1.72 -16.55
C ASN D 195 20.40 0.98 -15.24
N LEU D 196 21.15 -0.12 -15.29
CA LEU D 196 21.47 -0.89 -14.09
C LEU D 196 22.23 -0.06 -13.05
N ALA D 197 23.29 0.60 -13.50
CA ALA D 197 24.13 1.44 -12.65
C ALA D 197 23.29 2.48 -11.91
N ARG D 198 22.45 3.18 -12.67
CA ARG D 198 21.58 4.21 -12.15
C ARG D 198 20.57 3.60 -11.18
N TRP D 199 20.15 2.38 -11.45
CA TRP D 199 19.20 1.73 -10.59
C TRP D 199 19.67 1.64 -9.16
N PHE D 200 20.93 1.24 -8.97
CA PHE D 200 21.49 1.11 -7.63
C PHE D 200 21.40 2.38 -6.83
N ASP D 201 21.98 3.42 -7.39
CA ASP D 201 22.00 4.70 -6.72
C ASP D 201 20.62 5.03 -6.13
N ALA D 202 19.58 4.47 -6.73
CA ALA D 202 18.19 4.68 -6.32
C ALA D 202 17.77 3.95 -5.05
N TRP D 203 17.55 2.65 -5.17
CA TRP D 203 17.10 1.87 -4.02
C TRP D 203 18.17 1.82 -2.91
N VAL D 204 19.44 1.90 -3.27
CA VAL D 204 20.50 1.88 -2.27
C VAL D 204 20.36 2.99 -1.24
N THR D 205 20.22 4.22 -1.74
CA THR D 205 20.08 5.38 -0.89
C THR D 205 18.73 5.34 -0.21
N GLN D 206 17.78 4.66 -0.82
CA GLN D 206 16.47 4.57 -0.21
C GLN D 206 16.53 3.59 0.94
N TYR D 207 17.15 2.43 0.72
CA TYR D 207 17.26 1.43 1.77
C TYR D 207 17.95 2.07 2.97
N ALA D 208 18.84 3.01 2.72
CA ALA D 208 19.53 3.68 3.80
C ALA D 208 18.52 4.31 4.75
N GLU D 209 17.41 4.79 4.20
CA GLU D 209 16.37 5.42 5.01
C GLU D 209 15.59 4.35 5.79
N ILE D 210 15.28 3.24 5.13
CA ILE D 210 14.55 2.16 5.77
C ILE D 210 15.34 1.64 6.97
N HIS D 211 16.65 1.54 6.78
CA HIS D 211 17.56 1.06 7.81
C HIS D 211 17.53 2.00 9.00
N GLU D 212 17.99 3.22 8.78
CA GLU D 212 18.01 4.20 9.85
C GLU D 212 16.61 4.47 10.38
N GLY D 213 15.61 4.25 9.53
CA GLY D 213 14.24 4.47 9.94
C GLY D 213 13.72 3.45 10.92
N ASN D 214 13.55 2.21 10.47
CA ASN D 214 13.03 1.14 11.33
C ASN D 214 13.89 0.91 12.53
N ALA D 216 15.80 3.30 14.44
CA ALA D 216 15.52 4.26 15.49
C ALA D 216 14.08 4.12 15.98
N GLU D 217 13.19 3.66 15.09
CA GLU D 217 11.79 3.47 15.43
C GLU D 217 11.55 2.23 16.28
N TRP D 218 12.45 1.27 16.15
CA TRP D 218 12.33 0.02 16.89
C TRP D 218 12.86 0.19 18.32
N LYS D 219 13.99 0.87 18.46
CA LYS D 219 14.55 1.08 19.79
C LYS D 219 13.54 1.75 20.72
N LYS D 220 12.90 2.82 20.24
CA LYS D 220 11.88 3.55 21.01
C LYS D 220 10.63 2.70 21.12
N TYR D 221 10.79 1.45 21.50
CA TYR D 221 9.65 0.57 21.60
C TYR D 221 10.04 -0.75 22.26
N SER D 222 11.35 -1.02 22.28
CA SER D 222 11.90 -2.25 22.88
C SER D 222 13.43 -2.20 23.07
N ALA D 223 13.95 -3.22 23.76
CA ALA D 223 15.38 -3.35 24.02
C ALA D 223 15.94 -4.53 23.24
N ASP D 224 15.04 -5.34 22.69
CA ASP D 224 15.39 -6.53 21.90
C ASP D 224 16.06 -6.08 20.62
N VAL D 225 16.28 -4.78 20.51
CA VAL D 225 16.91 -4.17 19.35
C VAL D 225 18.40 -4.57 19.28
N GLU D 226 18.69 -5.81 19.65
CA GLU D 226 20.06 -6.30 19.64
C GLU D 226 20.07 -7.80 19.36
N ALA D 227 19.38 -8.56 20.19
CA ALA D 227 19.33 -10.01 20.01
C ALA D 227 18.35 -10.37 18.91
N LYS D 228 17.49 -9.42 18.54
CA LYS D 228 16.50 -9.62 17.50
C LYS D 228 17.01 -9.18 16.12
N THR D 229 18.08 -8.39 16.12
CA THR D 229 18.66 -7.90 14.87
C THR D 229 19.89 -8.73 14.46
N ARG D 230 20.46 -9.47 15.42
CA ARG D 230 21.62 -10.31 15.15
C ARG D 230 21.38 -11.28 13.99
N PRO D 231 20.24 -11.99 13.99
CA PRO D 231 19.95 -12.93 12.91
C PRO D 231 19.64 -12.27 11.56
N LEU D 232 19.79 -10.96 11.48
CA LEU D 232 19.49 -10.27 10.24
C LEU D 232 20.72 -9.94 9.41
N ARG D 233 21.89 -10.23 9.96
CA ARG D 233 23.15 -9.96 9.26
C ARG D 233 23.11 -8.63 8.55
N LEU D 234 22.85 -7.56 9.29
CA LEU D 234 22.80 -6.25 8.66
C LEU D 234 24.19 -5.86 8.20
N GLY D 235 24.25 -5.07 7.14
CA GLY D 235 25.52 -4.60 6.62
C GLY D 235 26.46 -5.67 6.11
N GLY D 236 26.15 -6.94 6.34
CA GLY D 236 27.01 -8.00 5.88
C GLY D 236 27.86 -8.58 6.99
N PHE D 237 29.03 -9.11 6.65
CA PHE D 237 29.89 -9.69 7.67
C PHE D 237 30.68 -8.64 8.46
N ASP D 238 31.00 -7.52 7.80
CA ASP D 238 31.73 -6.44 8.45
C ASP D 238 30.80 -5.29 8.79
N GLY D 239 29.66 -5.24 8.12
CA GLY D 239 28.69 -4.18 8.35
C GLY D 239 28.81 -3.07 7.32
N GLU D 240 29.87 -3.10 6.54
CA GLU D 240 30.13 -2.08 5.52
C GLU D 240 29.10 -2.12 4.40
N GLY D 241 28.30 -3.18 4.34
CA GLY D 241 27.27 -3.28 3.33
C GLY D 241 27.69 -3.96 2.04
N LEU D 242 26.75 -3.98 1.10
CA LEU D 242 26.97 -4.59 -0.21
C LEU D 242 28.21 -4.04 -0.90
N ARG D 243 29.16 -4.91 -1.16
CA ARG D 243 30.39 -4.52 -1.83
C ARG D 243 30.39 -4.96 -3.31
N TYR D 244 30.83 -4.08 -4.19
CA TYR D 244 30.88 -4.39 -5.62
C TYR D 244 32.26 -4.94 -6.00
N LEU D 245 32.36 -6.20 -6.38
CA LEU D 245 33.66 -6.78 -6.77
C LEU D 245 34.11 -6.36 -8.13
N GLY D 246 33.19 -5.87 -8.94
CA GLY D 246 33.53 -5.42 -10.29
C GLY D 246 32.65 -6.06 -11.36
N TYR D 247 33.00 -5.86 -12.62
CA TYR D 247 32.25 -6.43 -13.72
C TYR D 247 33.06 -7.40 -14.55
N THR D 248 32.40 -7.99 -15.54
CA THR D 248 33.03 -8.97 -16.44
C THR D 248 32.21 -9.04 -17.72
N THR D 249 32.86 -8.75 -18.84
CA THR D 249 32.16 -8.79 -20.13
C THR D 249 32.25 -10.18 -20.75
N LEU D 250 31.19 -10.53 -21.49
CA LEU D 250 31.10 -11.84 -22.17
C LEU D 250 31.27 -11.67 -23.68
N GLU D 251 31.96 -12.62 -24.30
CA GLU D 251 32.20 -12.56 -25.74
C GLU D 251 30.92 -12.89 -26.52
N ALA D 266 27.79 -9.50 -30.31
CA ALA D 266 28.51 -8.53 -29.47
C ALA D 266 29.16 -7.47 -30.35
N PHE D 267 29.94 -6.57 -29.75
CA PHE D 267 30.61 -5.50 -30.48
C PHE D 267 31.61 -4.79 -29.58
N GLU D 268 32.84 -4.64 -30.09
CA GLU D 268 33.92 -3.98 -29.35
C GLU D 268 34.09 -2.52 -29.76
N ARG D 269 33.39 -1.63 -29.05
CA ARG D 269 33.46 -0.20 -29.33
C ARG D 269 32.84 0.59 -28.17
N PHE D 270 32.66 -0.08 -27.06
CA PHE D 270 32.08 0.56 -25.89
C PHE D 270 32.98 0.36 -24.68
N ARG D 271 34.06 -0.39 -24.88
CA ARG D 271 35.03 -0.68 -23.82
C ARG D 271 35.19 0.47 -22.83
N GLY D 272 35.43 1.67 -23.34
CA GLY D 272 35.63 2.82 -22.47
C GLY D 272 34.42 3.21 -21.65
N ARG D 273 33.28 3.38 -22.31
CA ARG D 273 32.06 3.78 -21.61
C ARG D 273 31.54 2.71 -20.66
N PHE D 274 32.03 1.48 -20.80
CA PHE D 274 31.59 0.41 -19.93
C PHE D 274 32.19 0.52 -18.55
N ALA D 275 33.52 0.58 -18.49
CA ALA D 275 34.22 0.68 -17.22
C ALA D 275 33.82 1.99 -16.53
N ALA D 276 33.34 2.94 -17.31
CA ALA D 276 32.91 4.21 -16.77
C ALA D 276 31.61 3.98 -16.00
N GLU D 277 30.69 3.23 -16.59
CA GLU D 277 29.42 2.96 -15.95
C GLU D 277 29.65 2.10 -14.70
N ALA D 278 30.74 1.36 -14.68
CA ALA D 278 31.04 0.50 -13.54
C ALA D 278 31.28 1.36 -12.32
N GLU D 279 32.11 2.38 -12.47
CA GLU D 279 32.39 3.29 -11.36
C GLU D 279 31.10 3.72 -10.71
N ARG D 280 30.19 4.23 -11.55
CA ARG D 280 28.88 4.71 -11.09
C ARG D 280 28.29 3.77 -10.05
N ILE D 281 28.54 2.47 -10.21
CA ILE D 281 28.03 1.48 -9.28
C ILE D 281 28.88 1.42 -8.01
N SER D 282 30.16 1.09 -8.17
CA SER D 282 31.07 0.99 -7.04
C SER D 282 31.13 2.27 -6.23
N ASN D 283 30.56 3.34 -6.77
CA ASN D 283 30.54 4.63 -6.09
C ASN D 283 29.25 4.76 -5.29
N SER D 284 28.23 4.01 -5.68
CA SER D 284 26.95 4.06 -4.98
C SER D 284 26.83 2.93 -3.99
N LEU D 285 27.96 2.27 -3.71
CA LEU D 285 27.95 1.16 -2.79
C LEU D 285 29.08 1.27 -1.76
N SER D 286 29.30 0.18 -1.02
CA SER D 286 30.32 0.08 0.02
C SER D 286 31.65 0.70 -0.29
N LYS D 287 32.21 1.33 0.72
CA LYS D 287 33.50 1.97 0.65
C LYS D 287 34.56 1.04 0.02
N HIS D 288 34.41 -0.27 0.19
CA HIS D 288 35.40 -1.16 -0.37
C HIS D 288 35.02 -1.63 -1.76
N SER D 289 33.90 -1.16 -2.27
CA SER D 289 33.51 -1.62 -3.57
C SER D 289 34.63 -1.50 -4.59
N ASN D 290 35.09 -2.63 -5.13
CA ASN D 290 36.12 -2.51 -6.14
C ASN D 290 35.50 -2.54 -7.54
N SER D 291 35.86 -1.63 -8.44
CA SER D 291 35.20 -1.64 -9.77
C SER D 291 36.04 -2.17 -10.91
N THR D 292 37.01 -3.02 -10.58
CA THR D 292 37.92 -3.60 -11.56
C THR D 292 37.18 -4.40 -12.63
N LEU D 293 37.92 -4.95 -13.59
CA LEU D 293 37.32 -5.75 -14.63
C LEU D 293 37.77 -7.20 -14.43
N LEU D 294 37.01 -7.92 -13.60
CA LEU D 294 37.33 -9.32 -13.31
C LEU D 294 37.97 -10.11 -14.44
N GLY D 295 37.30 -10.20 -15.58
CA GLY D 295 37.87 -10.95 -16.67
C GLY D 295 37.00 -11.00 -17.90
N HIS D 296 37.36 -11.87 -18.84
CA HIS D 296 36.61 -12.01 -20.09
C HIS D 296 36.03 -13.44 -20.13
N VAL D 297 34.86 -13.59 -20.74
CA VAL D 297 34.22 -14.92 -20.82
C VAL D 297 33.73 -15.22 -22.24
N PRO D 298 34.41 -16.16 -22.93
CA PRO D 298 34.03 -16.53 -24.30
C PRO D 298 32.86 -17.51 -24.38
N HIS D 299 32.61 -18.01 -25.58
CA HIS D 299 31.52 -18.95 -25.83
C HIS D 299 31.95 -20.12 -26.73
N ALA D 333 40.14 -26.16 -23.27
CA ALA D 333 40.59 -25.20 -24.28
C ALA D 333 40.51 -23.76 -23.76
N TYR D 334 39.28 -23.26 -23.60
CA TYR D 334 39.00 -21.88 -23.13
C TYR D 334 38.75 -21.85 -21.62
N ALA D 335 38.52 -23.02 -21.05
CA ALA D 335 38.26 -23.17 -19.63
C ALA D 335 39.34 -22.48 -18.79
N GLU D 336 40.45 -22.14 -19.43
CA GLU D 336 41.55 -21.47 -18.75
C GLU D 336 41.20 -20.02 -18.48
N LYS D 337 40.29 -19.46 -19.28
CA LYS D 337 39.89 -18.07 -19.11
C LYS D 337 38.73 -17.91 -18.13
N ILE D 338 37.78 -18.85 -18.14
CA ILE D 338 36.66 -18.79 -17.21
C ILE D 338 37.16 -19.04 -15.78
N ASN D 339 38.11 -19.95 -15.63
CA ASN D 339 38.69 -20.26 -14.33
C ASN D 339 39.48 -19.05 -13.83
N SER D 340 40.09 -18.32 -14.77
CA SER D 340 40.87 -17.13 -14.44
C SER D 340 40.00 -16.18 -13.64
N VAL D 341 38.79 -15.92 -14.18
CA VAL D 341 37.80 -15.04 -13.56
C VAL D 341 37.43 -15.59 -12.18
N ALA D 342 37.26 -16.89 -12.08
CA ALA D 342 36.92 -17.53 -10.81
C ALA D 342 38.02 -17.25 -9.79
N ALA D 343 39.26 -17.18 -10.28
CA ALA D 343 40.42 -16.91 -9.42
C ALA D 343 40.28 -15.53 -8.77
N ASN D 344 40.15 -14.49 -9.59
CA ASN D 344 40.01 -13.10 -9.13
C ASN D 344 38.88 -12.97 -8.12
N VAL D 345 37.71 -13.45 -8.51
CA VAL D 345 36.55 -13.39 -7.64
C VAL D 345 36.85 -14.06 -6.30
N TYR D 346 37.54 -15.21 -6.35
CA TYR D 346 37.88 -15.93 -5.13
C TYR D 346 38.84 -15.13 -4.27
N LYS D 347 39.70 -14.35 -4.93
CA LYS D 347 40.71 -13.53 -4.27
C LYS D 347 40.12 -12.27 -3.67
N ALA D 348 39.13 -11.73 -4.38
CA ALA D 348 38.44 -10.53 -3.94
C ALA D 348 37.69 -10.85 -2.66
N LEU D 349 37.13 -12.05 -2.57
CA LEU D 349 36.37 -12.44 -1.39
C LEU D 349 37.27 -12.84 -0.22
N PHE D 350 38.24 -13.73 -0.48
CA PHE D 350 39.16 -14.19 0.57
C PHE D 350 40.58 -13.78 0.19
N PRO D 351 40.99 -12.57 0.57
CA PRO D 351 42.32 -12.03 0.28
C PRO D 351 43.45 -12.56 1.18
N ASN D 352 43.17 -12.73 2.48
CA ASN D 352 44.18 -13.21 3.45
C ASN D 352 44.82 -14.58 3.13
N GLU D 353 44.41 -15.21 2.03
CA GLU D 353 44.93 -16.51 1.62
C GLU D 353 45.76 -16.42 0.31
#